data_3GP3
#
_entry.id   3GP3
#
_cell.length_a   49.263
_cell.length_b   72.045
_cell.length_c   78.036
_cell.angle_alpha   107.960
_cell.angle_beta   93.000
_cell.angle_gamma   104.200
#
_symmetry.space_group_name_H-M   'P 1'
#
loop_
_entity.id
_entity.type
_entity.pdbx_description
1 polymer '2,3-bisphosphoglycerate-dependent phosphoglycerate mutase'
2 non-polymer 'TETRAETHYLENE GLYCOL'
3 non-polymer 'PHOSPHITE ION'
4 non-polymer PHOSPHOSERINE
5 water water
#
_entity_poly.entity_id   1
_entity_poly.type   'polypeptide(L)'
_entity_poly.pdbx_seq_one_letter_code
;MAHHHHHHMYKLVLIRHGESTWNKENRFTGWVDVDLTEQGNREARQAGQLLKEAGYTFDIAYTSVLKRAIRTLWHVQDQM
DLMYVPVVHSWRLNERHYGALSGLNKAETAAKYGDEQVLVWRRSYDTPPPALEPGDERAPYADPRYAKVPREQLPLTECL
KDTVARVLPLWNESIAPAVKAGKQVLIAAHGNSLRALIKYLDGISDADIVGLNIPNGVPLVYELDESLTPIRHYYLGDQE
AIAKAQAAVAQQGKSAA
;
_entity_poly.pdbx_strand_id   A,B,C,D
#
loop_
_chem_comp.id
_chem_comp.type
_chem_comp.name
_chem_comp.formula
PG4 non-polymer 'TETRAETHYLENE GLYCOL' 'C8 H18 O5'
PO3 non-polymer 'PHOSPHITE ION' 'O3 P -3'
#
# COMPACT_ATOMS: atom_id res chain seq x y z
N MET A 9 53.48 0.13 36.24
CA MET A 9 52.33 0.98 36.63
C MET A 9 50.93 0.42 36.23
N TYR A 10 49.99 0.56 37.15
CA TYR A 10 48.63 0.03 36.91
C TYR A 10 47.60 1.13 36.94
N LYS A 11 46.41 0.93 36.31
CA LYS A 11 45.26 1.84 36.48
C LYS A 11 44.08 1.07 37.03
N LEU A 12 43.35 1.68 37.94
CA LEU A 12 42.17 1.08 38.58
C LEU A 12 41.09 2.11 38.43
N VAL A 13 39.87 1.77 37.99
CA VAL A 13 38.78 2.73 37.84
C VAL A 13 37.67 2.39 38.86
N LEU A 14 37.22 3.40 39.56
CA LEU A 14 36.17 3.28 40.57
C LEU A 14 35.02 4.10 40.07
N ILE A 15 33.81 3.65 40.39
CA ILE A 15 32.60 4.42 40.03
C ILE A 15 31.46 4.17 41.07
N ARG A 16 30.87 5.23 41.60
CA ARG A 16 29.65 5.14 42.42
C ARG A 16 28.41 5.00 41.55
N HIS A 17 27.49 4.20 42.03
CA HIS A 17 26.20 4.01 41.30
C HIS A 17 25.54 5.35 40.93
N GLY A 18 24.81 5.32 39.83
CA GLY A 18 23.97 6.49 39.49
C GLY A 18 22.90 6.77 40.51
N GLU A 19 22.29 7.95 40.40
CA GLU A 19 21.22 8.35 41.30
C GLU A 19 20.21 7.24 41.51
N SER A 20 19.98 6.86 42.79
CA SER A 20 18.97 5.91 43.15
C SER A 20 17.64 6.60 43.54
N THR A 21 16.59 5.84 43.64
CA THR A 21 15.26 6.40 44.07
C THR A 21 15.41 7.06 45.42
N TRP A 22 16.10 6.41 46.37
CA TRP A 22 16.24 7.01 47.68
C TRP A 22 17.24 8.17 47.76
N ASN A 23 18.22 8.27 46.83
CA ASN A 23 19.05 9.42 46.74
C ASN A 23 18.12 10.62 46.40
N LYS A 24 17.28 10.42 45.41
CA LYS A 24 16.30 11.45 44.98
C LYS A 24 15.37 11.85 46.12
N GLU A 25 14.86 10.86 46.84
CA GLU A 25 13.97 11.10 47.99
C GLU A 25 14.67 11.50 49.30
N ASN A 26 16.00 11.66 49.29
CA ASN A 26 16.78 12.03 50.47
C ASN A 26 16.64 11.11 51.68
N ARG A 27 16.69 9.78 51.42
CA ARG A 27 16.55 8.77 52.47
C ARG A 27 17.84 8.00 52.67
N PHE A 28 18.15 7.66 53.89
CA PHE A 28 19.25 6.79 54.18
C PHE A 28 18.95 5.42 53.58
N THR A 29 19.92 4.85 52.87
CA THR A 29 19.70 3.61 52.14
C THR A 29 20.36 2.38 52.74
N GLY A 30 21.67 2.40 52.86
CA GLY A 30 22.37 1.26 53.39
C GLY A 30 22.11 0.05 52.48
N TRP A 31 21.81 -1.06 53.08
CA TRP A 31 21.62 -2.32 52.36
C TRP A 31 20.28 -2.53 51.75
N VAL A 32 19.36 -1.56 51.85
CA VAL A 32 18.09 -1.67 51.20
C VAL A 32 18.30 -1.66 49.68
N ASP A 33 17.71 -2.64 48.98
CA ASP A 33 18.04 -2.87 47.57
C ASP A 33 17.20 -2.01 46.58
N VAL A 34 17.34 -0.69 46.65
CA VAL A 34 16.60 0.22 45.82
C VAL A 34 17.22 0.34 44.42
N ASP A 35 16.45 0.79 43.44
CA ASP A 35 16.96 0.82 42.09
C ASP A 35 17.30 2.30 41.63
N LEU A 36 17.86 2.37 40.43
CA LEU A 36 18.22 3.68 39.80
C LEU A 36 16.93 4.42 39.35
N THR A 37 17.03 5.75 39.42
CA THR A 37 16.06 6.61 38.77
C THR A 37 16.35 6.69 37.27
N GLU A 38 15.45 7.31 36.51
CA GLU A 38 15.82 7.65 35.10
C GLU A 38 17.11 8.42 35.00
N GLN A 39 17.29 9.45 35.83
N GLN A 39 17.33 9.43 35.82
CA GLN A 39 18.54 10.20 35.90
CA GLN A 39 18.58 10.18 35.84
C GLN A 39 19.71 9.25 36.14
C GLN A 39 19.81 9.35 36.24
N GLY A 40 19.63 8.39 37.15
CA GLY A 40 20.71 7.46 37.41
C GLY A 40 21.09 6.54 36.27
N ASN A 41 20.11 6.09 35.53
CA ASN A 41 20.37 5.29 34.33
C ASN A 41 21.14 6.15 33.33
N ARG A 42 20.68 7.38 33.12
CA ARG A 42 21.42 8.35 32.26
C ARG A 42 22.82 8.61 32.67
N GLU A 43 23.08 8.83 33.96
CA GLU A 43 24.37 9.03 34.47
C GLU A 43 25.28 7.81 34.15
N ALA A 44 24.77 6.63 34.43
CA ALA A 44 25.54 5.42 34.16
C ALA A 44 25.92 5.24 32.69
N ARG A 45 24.96 5.47 31.78
CA ARG A 45 25.26 5.45 30.34
C ARG A 45 26.29 6.50 29.95
N GLN A 46 26.17 7.71 30.51
CA GLN A 46 27.14 8.78 30.20
C GLN A 46 28.54 8.41 30.67
N ALA A 47 28.62 7.76 31.82
CA ALA A 47 29.92 7.31 32.37
C ALA A 47 30.54 6.27 31.46
N GLY A 48 29.73 5.31 31.04
CA GLY A 48 30.23 4.30 30.06
C GLY A 48 30.72 4.93 28.74
N GLN A 49 29.96 5.92 28.26
CA GLN A 49 30.36 6.65 27.04
C GLN A 49 31.64 7.42 27.25
N LEU A 50 31.79 8.03 28.39
N LEU A 50 31.81 8.08 28.40
CA LEU A 50 33.00 8.75 28.74
CA LEU A 50 33.12 8.76 28.72
C LEU A 50 34.30 7.86 28.84
C LEU A 50 34.27 7.77 28.62
N LEU A 51 34.14 6.61 29.31
CA LEU A 51 35.24 5.67 29.41
C LEU A 51 35.55 5.15 27.99
N LYS A 52 34.53 4.83 27.22
CA LYS A 52 34.65 4.36 25.83
C LYS A 52 35.43 5.41 24.99
N GLU A 53 35.02 6.66 25.06
CA GLU A 53 35.64 7.70 24.24
C GLU A 53 37.07 7.99 24.69
N ALA A 54 37.41 7.78 25.95
CA ALA A 54 38.77 8.03 26.47
C ALA A 54 39.71 6.83 26.20
N GLY A 55 39.14 5.78 25.66
CA GLY A 55 39.86 4.54 25.31
C GLY A 55 40.15 3.48 26.36
N TYR A 56 39.47 3.58 27.50
CA TYR A 56 39.61 2.62 28.54
C TYR A 56 38.97 1.31 28.16
N THR A 57 39.56 0.24 28.63
CA THR A 57 38.89 -1.04 28.53
C THR A 57 39.03 -1.75 29.86
N PHE A 58 38.24 -2.81 30.05
CA PHE A 58 38.39 -3.66 31.22
C PHE A 58 38.30 -5.15 30.88
N ASP A 59 38.97 -5.88 31.76
CA ASP A 59 39.09 -7.32 31.68
C ASP A 59 38.18 -8.01 32.76
N ILE A 60 37.85 -7.31 33.85
CA ILE A 60 37.05 -7.79 34.91
C ILE A 60 36.46 -6.62 35.63
N ALA A 61 35.33 -6.86 36.30
CA ALA A 61 34.76 -5.84 37.15
C ALA A 61 34.29 -6.45 38.47
N TYR A 62 34.28 -5.64 39.51
CA TYR A 62 33.76 -5.90 40.81
C TYR A 62 32.57 -5.04 41.12
N THR A 63 31.54 -5.61 41.75
CA THR A 63 30.39 -4.79 42.20
C THR A 63 29.84 -5.44 43.49
N SER A 64 28.81 -4.80 44.01
CA SER A 64 28.09 -5.29 45.17
C SER A 64 27.02 -6.28 44.78
N VAL A 65 26.19 -6.63 45.76
CA VAL A 65 25.00 -7.48 45.45
C VAL A 65 23.75 -6.61 45.36
N LEU A 66 23.94 -5.32 45.34
CA LEU A 66 22.83 -4.33 45.36
C LEU A 66 22.57 -3.79 43.94
N LYS A 67 21.35 -3.90 43.48
CA LYS A 67 20.97 -3.64 42.10
C LYS A 67 21.34 -2.23 41.59
N ARG A 68 21.35 -1.22 42.45
CA ARG A 68 21.69 0.10 41.96
C ARG A 68 23.13 0.13 41.42
N ALA A 69 24.04 -0.60 42.08
CA ALA A 69 25.39 -0.64 41.57
C ALA A 69 25.54 -1.58 40.40
N ILE A 70 24.94 -2.74 40.49
CA ILE A 70 24.95 -3.69 39.36
C ILE A 70 24.37 -3.07 38.10
N ARG A 71 23.21 -2.43 38.14
CA ARG A 71 22.65 -1.81 36.95
C ARG A 71 23.58 -0.71 36.40
N THR A 72 24.20 0.06 37.28
CA THR A 72 25.21 1.02 36.88
C THR A 72 26.29 0.33 36.06
N LEU A 73 26.77 -0.79 36.55
CA LEU A 73 27.80 -1.60 35.85
C LEU A 73 27.24 -2.06 34.52
N TRP A 74 26.03 -2.57 34.47
CA TRP A 74 25.43 -3.02 33.23
C TRP A 74 25.49 -1.90 32.20
N HIS A 75 25.07 -0.71 32.55
CA HIS A 75 25.05 0.39 31.55
C HIS A 75 26.43 0.70 31.07
N VAL A 76 27.40 0.70 31.94
CA VAL A 76 28.78 0.91 31.54
C VAL A 76 29.19 -0.18 30.58
N GLN A 77 28.97 -1.42 30.92
CA GLN A 77 29.32 -2.56 30.04
C GLN A 77 28.67 -2.41 28.69
N ASP A 78 27.39 -2.11 28.67
CA ASP A 78 26.65 -1.99 27.40
C ASP A 78 27.29 -0.88 26.55
N GLN A 79 27.50 0.30 27.11
CA GLN A 79 28.11 1.41 26.33
C GLN A 79 29.50 1.13 25.81
N MET A 80 30.29 0.37 26.57
CA MET A 80 31.67 -0.02 26.21
C MET A 80 31.82 -1.28 25.35
N ASP A 81 30.70 -1.98 25.12
CA ASP A 81 30.69 -3.26 24.47
C ASP A 81 31.57 -4.23 25.19
N LEU A 82 31.32 -4.34 26.51
CA LEU A 82 32.08 -5.19 27.46
C LEU A 82 31.12 -6.09 28.26
N MET A 83 30.06 -6.51 27.62
CA MET A 83 28.97 -7.30 28.29
C MET A 83 29.41 -8.71 28.71
N TYR A 84 30.49 -9.16 28.11
CA TYR A 84 31.05 -10.52 28.31
C TYR A 84 32.12 -10.70 29.40
N VAL A 85 32.65 -9.63 30.01
CA VAL A 85 33.74 -9.80 30.95
C VAL A 85 33.22 -10.39 32.23
N PRO A 86 34.08 -11.10 32.91
CA PRO A 86 33.70 -11.59 34.22
C PRO A 86 33.38 -10.49 35.22
N VAL A 87 32.36 -10.74 36.03
CA VAL A 87 31.98 -9.80 37.08
C VAL A 87 31.88 -10.58 38.40
N VAL A 88 32.53 -10.06 39.41
CA VAL A 88 32.50 -10.62 40.76
C VAL A 88 31.54 -9.72 41.58
N HIS A 89 30.41 -10.27 42.04
CA HIS A 89 29.43 -9.60 42.87
C HIS A 89 29.71 -10.00 44.30
N SER A 90 30.04 -9.04 45.14
CA SER A 90 30.46 -9.34 46.50
C SER A 90 29.72 -8.46 47.51
N TRP A 91 29.12 -9.11 48.50
CA TRP A 91 28.60 -8.39 49.62
C TRP A 91 29.55 -7.48 50.31
N ARG A 92 30.83 -7.75 50.19
CA ARG A 92 31.84 -6.91 50.78
C ARG A 92 31.90 -5.47 50.23
N LEU A 93 31.36 -5.28 49.01
CA LEU A 93 31.31 -3.99 48.43
C LEU A 93 30.01 -3.26 48.70
N ASN A 94 29.04 -3.88 49.39
CA ASN A 94 27.79 -3.20 49.70
C ASN A 94 28.06 -1.81 50.40
N GLU A 95 27.05 -0.91 50.21
CA GLU A 95 27.03 0.33 50.97
C GLU A 95 27.13 0.10 52.48
N ARG A 96 27.72 1.02 53.20
CA ARG A 96 27.70 0.97 54.68
C ARG A 96 26.27 0.72 55.18
N HIS A 97 26.10 -0.21 56.10
CA HIS A 97 24.80 -0.54 56.69
C HIS A 97 24.28 0.58 57.60
N TYR A 98 23.11 1.13 57.35
CA TYR A 98 22.56 2.30 58.07
C TYR A 98 21.65 1.90 59.26
N GLY A 99 21.54 0.62 59.59
CA GLY A 99 20.81 0.20 60.79
C GLY A 99 19.39 0.69 60.71
N ALA A 100 18.87 1.13 61.88
CA ALA A 100 17.50 1.52 61.97
C ALA A 100 17.22 2.88 61.33
N LEU A 101 18.27 3.49 60.81
CA LEU A 101 18.03 4.67 59.97
C LEU A 101 17.60 4.34 58.55
N SER A 102 17.82 3.13 58.11
CA SER A 102 17.55 2.78 56.74
C SER A 102 16.12 3.02 56.38
N GLY A 103 15.94 3.83 55.32
CA GLY A 103 14.63 4.21 54.90
C GLY A 103 14.08 5.55 55.39
N LEU A 104 14.71 6.09 56.41
CA LEU A 104 14.21 7.37 56.96
C LEU A 104 14.69 8.52 56.08
N ASN A 105 13.86 9.58 55.98
CA ASN A 105 14.29 10.80 55.31
C ASN A 105 15.30 11.56 56.17
N LYS A 106 16.39 12.01 55.56
CA LYS A 106 17.51 12.59 56.29
C LYS A 106 17.15 13.96 56.90
N ALA A 107 16.37 14.73 56.18
CA ALA A 107 15.89 16.03 56.72
C ALA A 107 14.88 15.82 57.89
N GLU A 108 13.92 14.91 57.77
CA GLU A 108 13.06 14.55 58.90
C GLU A 108 13.85 14.10 60.15
N THR A 109 14.93 13.33 59.93
CA THR A 109 15.71 12.81 61.00
C THR A 109 16.44 13.93 61.70
N ALA A 110 17.03 14.82 60.92
CA ALA A 110 17.74 15.93 61.50
C ALA A 110 16.77 16.86 62.27
N ALA A 111 15.56 17.07 61.80
CA ALA A 111 14.61 17.88 62.51
C ALA A 111 14.31 17.24 63.86
N LYS A 112 14.14 15.93 63.87
CA LYS A 112 13.72 15.26 65.11
C LYS A 112 14.83 15.12 66.09
N TYR A 113 16.04 14.76 65.62
CA TYR A 113 17.17 14.46 66.53
C TYR A 113 18.28 15.47 66.59
N GLY A 114 18.22 16.44 65.71
CA GLY A 114 19.19 17.52 65.59
C GLY A 114 20.20 17.25 64.52
N ASP A 115 20.65 18.33 63.92
CA ASP A 115 21.68 18.30 62.90
C ASP A 115 22.97 17.63 63.34
N GLU A 116 23.45 17.92 64.56
CA GLU A 116 24.73 17.37 64.99
C GLU A 116 24.61 15.83 65.14
N GLN A 117 23.51 15.39 65.76
CA GLN A 117 23.33 13.93 65.96
C GLN A 117 23.35 13.20 64.62
N VAL A 118 22.67 13.77 63.65
CA VAL A 118 22.69 13.16 62.28
C VAL A 118 24.05 13.16 61.65
N LEU A 119 24.80 14.26 61.81
CA LEU A 119 26.17 14.33 61.23
C LEU A 119 27.10 13.31 61.89
N VAL A 120 26.89 12.99 63.18
CA VAL A 120 27.64 11.95 63.95
C VAL A 120 27.26 10.59 63.37
N TRP A 121 25.96 10.37 63.21
CA TRP A 121 25.57 9.07 62.60
C TRP A 121 26.06 8.86 61.17
N ARG A 122 26.07 9.92 60.36
CA ARG A 122 26.49 9.87 59.00
C ARG A 122 28.01 9.76 58.84
N ARG A 123 28.81 10.44 59.70
CA ARG A 123 30.27 10.68 59.37
C ARG A 123 31.28 10.51 60.52
N SER A 124 30.80 10.23 61.73
CA SER A 124 31.69 9.76 62.80
C SER A 124 32.42 8.48 62.31
N TYR A 125 33.74 8.54 62.11
CA TYR A 125 34.45 7.32 61.65
C TYR A 125 34.07 6.08 62.48
N ASP A 126 33.81 6.33 63.78
CA ASP A 126 33.80 5.35 64.85
C ASP A 126 32.44 5.13 65.53
N THR A 127 31.44 5.96 65.28
CA THR A 127 30.19 5.74 66.02
C THR A 127 29.04 5.34 65.07
N PRO A 128 28.38 4.20 65.37
CA PRO A 128 27.44 3.74 64.33
C PRO A 128 26.00 4.26 64.54
N PRO A 129 25.16 4.16 63.47
CA PRO A 129 23.76 4.49 63.64
C PRO A 129 23.11 3.48 64.57
N PRO A 130 21.94 3.82 65.10
CA PRO A 130 21.24 2.86 65.94
C PRO A 130 20.93 1.62 65.15
N ALA A 131 21.09 0.46 65.79
CA ALA A 131 20.99 -0.85 65.13
C ALA A 131 19.56 -1.28 64.88
N LEU A 132 19.38 -2.03 63.81
CA LEU A 132 18.16 -2.85 63.61
C LEU A 132 18.04 -3.87 64.76
N GLU A 133 16.80 -4.09 65.17
CA GLU A 133 16.50 -5.31 65.97
C GLU A 133 16.72 -6.51 65.10
N PRO A 134 17.05 -7.67 65.67
CA PRO A 134 17.37 -8.80 64.83
C PRO A 134 16.14 -9.32 64.13
N GLY A 135 14.95 -8.98 64.64
CA GLY A 135 13.65 -9.40 64.04
C GLY A 135 13.11 -8.51 62.92
N ASP A 136 13.84 -7.43 62.59
CA ASP A 136 13.28 -6.44 61.70
C ASP A 136 13.22 -7.02 60.24
N GLU A 137 12.19 -6.62 59.45
CA GLU A 137 12.07 -6.96 58.02
C GLU A 137 13.32 -6.53 57.22
N ARG A 138 13.99 -5.47 57.69
CA ARG A 138 15.18 -4.94 57.04
C ARG A 138 16.41 -5.84 57.31
N ALA A 139 16.43 -6.75 58.31
CA ALA A 139 17.61 -7.51 58.67
C ALA A 139 18.01 -8.50 57.57
N PRO A 140 19.30 -8.86 57.49
CA PRO A 140 19.80 -9.54 56.27
C PRO A 140 19.70 -11.05 56.35
N TYR A 141 19.14 -11.60 57.43
CA TYR A 141 19.44 -13.00 57.72
C TYR A 141 18.78 -14.02 56.78
N ALA A 142 17.62 -13.68 56.25
CA ALA A 142 16.80 -14.54 55.39
C ALA A 142 16.98 -14.24 53.90
N ASP A 143 17.84 -13.29 53.59
CA ASP A 143 18.07 -12.87 52.19
C ASP A 143 19.07 -13.82 51.52
N PRO A 144 18.67 -14.43 50.36
CA PRO A 144 19.50 -15.29 49.59
C PRO A 144 20.85 -14.72 49.17
N ARG A 145 20.95 -13.37 49.08
CA ARG A 145 22.28 -12.83 48.85
C ARG A 145 23.41 -13.19 49.85
N TYR A 146 22.96 -13.43 51.09
CA TYR A 146 23.79 -13.59 52.22
C TYR A 146 23.70 -14.94 52.79
N ALA A 147 23.12 -15.87 52.07
CA ALA A 147 23.00 -17.23 52.59
C ALA A 147 24.34 -17.97 52.89
N LYS A 148 25.47 -17.61 52.29
CA LYS A 148 26.74 -18.25 52.61
C LYS A 148 27.62 -17.42 53.50
N VAL A 149 27.06 -16.31 54.02
CA VAL A 149 27.83 -15.46 54.90
C VAL A 149 27.63 -15.90 56.34
N PRO A 150 28.74 -16.14 57.12
CA PRO A 150 28.64 -16.41 58.56
C PRO A 150 27.61 -15.45 59.21
N ARG A 151 26.65 -15.96 59.96
CA ARG A 151 25.65 -15.09 60.62
C ARG A 151 26.30 -13.96 61.41
N GLU A 152 27.37 -14.27 62.10
CA GLU A 152 28.10 -13.29 62.90
C GLU A 152 28.82 -12.20 62.14
N GLN A 153 28.96 -12.37 60.80
CA GLN A 153 29.63 -11.36 60.00
C GLN A 153 28.60 -10.40 59.41
N LEU A 154 27.34 -10.73 59.58
CA LEU A 154 26.34 -9.88 58.95
C LEU A 154 25.98 -8.72 59.85
N PRO A 155 26.01 -7.50 59.26
CA PRO A 155 25.75 -6.35 60.21
C PRO A 155 24.27 -6.00 60.43
N LEU A 156 24.00 -5.42 61.60
N LEU A 156 23.90 -5.46 61.62
CA LEU A 156 22.72 -4.85 61.93
CA LEU A 156 22.60 -4.75 61.81
C LEU A 156 22.83 -3.30 61.95
C LEU A 156 22.83 -3.23 61.96
N THR A 157 24.09 -2.82 61.89
CA THR A 157 24.47 -1.41 61.75
C THR A 157 25.97 -1.42 61.44
N GLU A 158 26.44 -0.34 60.84
CA GLU A 158 27.89 -0.13 60.60
C GLU A 158 28.29 1.34 60.70
N CYS A 159 29.48 1.54 61.24
CA CYS A 159 30.21 2.80 61.01
C CYS A 159 31.24 2.55 59.90
N LEU A 160 31.90 3.61 59.42
CA LEU A 160 32.81 3.50 58.30
C LEU A 160 33.94 2.48 58.71
N LYS A 161 34.43 2.57 59.96
CA LYS A 161 35.42 1.59 60.44
C LYS A 161 35.07 0.14 60.13
N ASP A 162 33.84 -0.27 60.48
CA ASP A 162 33.34 -1.59 60.17
C ASP A 162 33.32 -1.75 58.63
N THR A 163 32.97 -0.70 57.87
CA THR A 163 32.84 -0.91 56.38
C THR A 163 34.24 -1.22 55.78
N VAL A 164 35.25 -0.47 56.26
CA VAL A 164 36.64 -0.60 55.87
C VAL A 164 37.06 -2.07 56.19
N ALA A 165 36.80 -2.54 57.42
CA ALA A 165 37.12 -3.91 57.79
C ALA A 165 36.48 -5.00 56.86
N ARG A 166 35.25 -4.77 56.39
CA ARG A 166 34.49 -5.66 55.53
C ARG A 166 34.97 -5.61 54.08
N VAL A 167 35.42 -4.44 53.61
CA VAL A 167 35.88 -4.23 52.19
C VAL A 167 37.25 -4.87 52.01
N LEU A 168 38.12 -4.74 53.02
CA LEU A 168 39.57 -5.12 52.84
C LEU A 168 39.84 -6.55 52.40
N PRO A 169 39.15 -7.57 52.92
CA PRO A 169 39.44 -8.90 52.49
C PRO A 169 39.25 -9.09 50.96
N LEU A 170 38.27 -8.38 50.41
CA LEU A 170 38.02 -8.53 48.98
C LEU A 170 39.19 -7.87 48.21
N TRP A 171 39.67 -6.72 48.68
CA TRP A 171 40.85 -6.13 48.10
C TRP A 171 42.05 -7.09 48.16
N ASN A 172 42.37 -7.52 49.37
CA ASN A 172 43.58 -8.36 49.52
C ASN A 172 43.48 -9.70 48.84
N GLU A 173 42.31 -10.35 48.84
CA GLU A 173 42.15 -11.71 48.31
C GLU A 173 41.86 -11.81 46.84
N SER A 174 41.34 -10.74 46.25
N SER A 174 41.19 -10.79 46.30
CA SER A 174 40.82 -10.85 44.86
CA SER A 174 40.65 -10.87 44.92
C SER A 174 41.18 -9.67 44.01
C SER A 174 41.13 -9.70 44.04
N ILE A 175 40.92 -8.45 44.47
CA ILE A 175 41.10 -7.31 43.54
C ILE A 175 42.58 -6.98 43.37
N ALA A 176 43.35 -6.92 44.43
CA ALA A 176 44.75 -6.67 44.28
C ALA A 176 45.50 -7.76 43.53
N PRO A 177 45.23 -9.04 43.77
CA PRO A 177 45.86 -10.03 42.87
C PRO A 177 45.47 -9.87 41.40
N ALA A 178 44.22 -9.46 41.09
CA ALA A 178 43.87 -9.21 39.70
C ALA A 178 44.70 -8.09 39.10
N VAL A 179 44.89 -7.03 39.86
CA VAL A 179 45.56 -5.85 39.37
C VAL A 179 47.01 -6.28 39.11
N LYS A 180 47.60 -7.01 40.02
CA LYS A 180 48.97 -7.55 39.80
C LYS A 180 49.11 -8.58 38.68
N ALA A 181 48.05 -9.28 38.32
CA ALA A 181 48.06 -10.26 37.23
C ALA A 181 47.99 -9.53 35.85
N GLY A 182 47.79 -8.21 35.88
CA GLY A 182 47.74 -7.35 34.69
C GLY A 182 46.34 -7.13 34.16
N LYS A 183 45.32 -7.48 34.96
CA LYS A 183 43.95 -7.29 34.58
C LYS A 183 43.54 -5.85 34.77
N GLN A 184 42.78 -5.32 33.82
CA GLN A 184 42.28 -3.90 33.86
C GLN A 184 40.93 -4.00 34.57
N VAL A 185 40.88 -3.47 35.78
CA VAL A 185 39.77 -3.65 36.76
C VAL A 185 38.88 -2.39 36.82
N LEU A 186 37.60 -2.62 36.87
CA LEU A 186 36.60 -1.58 37.18
C LEU A 186 35.87 -2.02 38.48
N ILE A 187 35.69 -1.13 39.44
CA ILE A 187 34.91 -1.38 40.69
C ILE A 187 33.68 -0.42 40.64
N ALA A 188 32.46 -1.00 40.60
CA ALA A 188 31.27 -0.21 40.57
C ALA A 188 30.56 -0.46 41.90
N ALA A 189 30.49 0.57 42.74
CA ALA A 189 30.04 0.34 44.13
C ALA A 189 29.26 1.58 44.63
N HIS A 190 29.48 1.93 45.90
CA HIS A 190 28.67 2.81 46.69
C HIS A 190 29.47 3.89 47.35
N GLY A 191 28.77 4.98 47.75
CA GLY A 191 29.46 6.11 48.34
C GLY A 191 30.40 5.74 49.49
N ASN A 192 29.89 5.01 50.49
CA ASN A 192 30.67 4.78 51.67
C ASN A 192 31.62 3.57 51.49
N SER A 193 31.28 2.58 50.67
CA SER A 193 32.20 1.50 50.47
C SER A 193 33.40 1.99 49.64
N LEU A 194 33.18 2.90 48.68
CA LEU A 194 34.32 3.54 47.94
C LEU A 194 35.10 4.52 48.87
N ARG A 195 34.43 5.20 49.79
CA ARG A 195 35.19 6.05 50.77
C ARG A 195 36.14 5.14 51.56
N ALA A 196 35.69 3.94 51.92
CA ALA A 196 36.42 3.08 52.76
C ALA A 196 37.55 2.56 52.01
N LEU A 197 37.30 2.10 50.78
CA LEU A 197 38.42 1.64 50.00
C LEU A 197 39.47 2.67 49.71
N ILE A 198 39.08 3.90 49.33
CA ILE A 198 39.96 5.09 49.15
C ILE A 198 40.80 5.41 50.45
N LYS A 199 40.16 5.24 51.58
CA LYS A 199 40.75 5.58 52.87
C LYS A 199 41.97 4.66 53.02
N TYR A 200 41.77 3.41 52.61
CA TYR A 200 42.82 2.41 52.72
C TYR A 200 43.89 2.67 51.67
N LEU A 201 43.48 2.87 50.41
CA LEU A 201 44.44 3.02 49.29
C LEU A 201 45.36 4.23 49.44
N ASP A 202 44.75 5.37 49.76
CA ASP A 202 45.45 6.62 49.92
C ASP A 202 46.02 6.79 51.35
N GLY A 203 45.83 5.84 52.25
CA GLY A 203 46.30 5.99 53.66
C GLY A 203 45.79 7.25 54.36
N ILE A 204 44.50 7.51 54.21
CA ILE A 204 43.84 8.68 54.79
C ILE A 204 43.50 8.46 56.29
N SER A 205 43.77 9.46 57.11
CA SER A 205 43.50 9.45 58.54
C SER A 205 41.98 9.31 58.80
N ASP A 206 41.71 8.88 60.01
CA ASP A 206 40.34 8.81 60.48
C ASP A 206 39.66 10.18 60.43
N ALA A 207 40.38 11.24 60.78
CA ALA A 207 39.83 12.59 60.72
C ALA A 207 39.58 13.12 59.34
N ASP A 208 40.57 12.95 58.51
CA ASP A 208 40.56 13.49 57.16
C ASP A 208 39.54 12.82 56.21
N ILE A 209 39.14 11.60 56.52
CA ILE A 209 38.19 10.92 55.61
C ILE A 209 36.77 11.53 55.74
N VAL A 210 36.49 12.24 56.85
CA VAL A 210 35.12 12.70 57.15
C VAL A 210 34.53 13.63 56.10
N GLY A 211 35.36 14.38 55.38
CA GLY A 211 34.88 15.34 54.42
C GLY A 211 34.94 14.89 52.96
N LEU A 212 35.30 13.62 52.71
CA LEU A 212 35.35 13.09 51.34
C LEU A 212 33.98 12.65 50.87
N ASN A 213 33.48 13.25 49.78
CA ASN A 213 32.18 12.86 49.19
C ASN A 213 32.48 12.42 47.76
N ILE A 214 31.69 11.44 47.31
N ILE A 214 31.92 11.27 47.34
CA ILE A 214 31.87 10.80 46.02
CA ILE A 214 32.03 10.82 45.94
C ILE A 214 30.61 11.03 45.19
C ILE A 214 30.71 11.03 45.20
N PRO A 215 30.74 11.72 44.07
CA PRO A 215 29.49 11.92 43.33
C PRO A 215 28.95 10.65 42.61
N ASN A 216 27.66 10.62 42.36
CA ASN A 216 27.05 9.53 41.58
C ASN A 216 27.58 9.52 40.15
N GLY A 217 27.94 8.32 39.69
CA GLY A 217 28.22 8.09 38.26
C GLY A 217 29.38 8.79 37.56
N VAL A 218 30.43 9.14 38.28
CA VAL A 218 31.58 9.77 37.72
C VAL A 218 32.81 8.82 37.90
N PRO A 219 33.50 8.42 36.78
CA PRO A 219 34.66 7.52 36.91
C PRO A 219 35.77 8.21 37.65
N LEU A 220 36.39 7.52 38.58
CA LEU A 220 37.50 8.00 39.38
C LEU A 220 38.68 7.06 39.09
N VAL A 221 39.75 7.61 38.47
CA VAL A 221 40.83 6.83 38.00
C VAL A 221 42.01 6.93 39.01
N TYR A 222 42.53 5.82 39.44
CA TYR A 222 43.75 5.68 40.25
C TYR A 222 44.83 5.13 39.40
N GLU A 223 46.00 5.80 39.43
CA GLU A 223 47.28 5.23 38.88
C GLU A 223 48.08 4.77 40.06
N LEU A 224 48.53 3.51 40.02
CA LEU A 224 49.12 2.78 41.11
C LEU A 224 50.51 2.28 40.66
N ASP A 225 51.46 2.32 41.60
CA ASP A 225 52.80 1.94 41.29
C ASP A 225 52.93 0.44 41.50
N GLU A 226 54.15 -0.10 41.29
CA GLU A 226 54.42 -1.52 41.44
C GLU A 226 53.94 -2.18 42.74
N SER A 227 53.92 -1.46 43.85
CA SER A 227 53.46 -2.04 45.13
C SER A 227 51.98 -1.69 45.39
N LEU A 228 51.31 -1.19 44.35
CA LEU A 228 49.89 -0.77 44.41
C LEU A 228 49.65 0.46 45.24
N THR A 229 50.66 1.31 45.41
CA THR A 229 50.52 2.60 46.10
C THR A 229 50.14 3.68 45.12
N PRO A 230 49.12 4.49 45.43
CA PRO A 230 48.69 5.55 44.51
C PRO A 230 49.79 6.60 44.15
N ILE A 231 49.89 6.90 42.85
CA ILE A 231 50.78 7.91 42.26
C ILE A 231 49.95 9.18 42.10
N ARG A 232 48.70 9.06 41.57
CA ARG A 232 47.81 10.18 41.41
C ARG A 232 46.40 9.64 41.14
N HIS A 233 45.43 10.51 41.19
CA HIS A 233 44.04 10.10 40.89
C HIS A 233 43.32 11.27 40.31
N TYR A 234 42.26 11.04 39.57
CA TYR A 234 41.49 12.07 38.91
C TYR A 234 40.11 11.58 38.45
N TYR A 235 39.08 12.43 38.52
CA TYR A 235 37.80 12.14 37.88
C TYR A 235 37.94 12.28 36.38
N LEU A 236 37.19 11.50 35.62
CA LEU A 236 37.03 11.75 34.18
C LEU A 236 35.82 12.62 33.93
N GLY A 237 35.88 13.48 32.92
CA GLY A 237 34.70 14.25 32.52
C GLY A 237 35.05 15.72 32.51
N MET B 9 26.65 10.09 1.48
CA MET B 9 25.55 11.01 1.80
C MET B 9 24.20 10.37 1.42
N TYR B 10 23.26 10.52 2.33
CA TYR B 10 21.91 10.00 2.13
C TYR B 10 20.86 11.12 2.16
N LYS B 11 19.69 10.89 1.52
CA LYS B 11 18.55 11.85 1.63
C LYS B 11 17.41 11.05 2.24
N LEU B 12 16.67 11.68 3.13
CA LEU B 12 15.43 11.06 3.75
C LEU B 12 14.36 12.10 3.61
N VAL B 13 13.17 11.74 3.17
CA VAL B 13 12.06 12.68 2.99
C VAL B 13 11.00 12.34 4.08
N LEU B 14 10.54 13.34 4.77
CA LEU B 14 9.39 13.21 5.72
C LEU B 14 8.24 14.04 5.28
N ILE B 15 7.00 13.60 5.55
N ILE B 15 7.01 13.59 5.52
CA ILE B 15 5.78 14.37 5.21
CA ILE B 15 5.87 14.43 5.26
C ILE B 15 4.64 14.12 6.22
C ILE B 15 4.82 14.14 6.32
N ARG B 16 4.08 15.19 6.75
CA ARG B 16 2.92 15.06 7.64
C ARG B 16 1.69 14.90 6.75
N HIS B 17 0.70 14.14 7.22
CA HIS B 17 -0.49 13.93 6.49
C HIS B 17 -1.15 15.28 6.10
N GLY B 18 -1.93 15.24 5.04
CA GLY B 18 -2.80 16.38 4.66
C GLY B 18 -3.85 16.67 5.69
N GLU B 19 -4.47 17.85 5.58
CA GLU B 19 -5.52 18.27 6.48
C GLU B 19 -6.53 17.19 6.70
N SER B 20 -6.76 16.82 7.98
CA SER B 20 -7.78 15.87 8.32
C SER B 20 -9.10 16.54 8.75
N THR B 21 -10.17 15.79 8.83
CA THR B 21 -11.49 16.35 9.23
C THR B 21 -11.33 16.99 10.61
N TRP B 22 -10.61 16.34 11.55
CA TRP B 22 -10.45 16.91 12.87
C TRP B 22 -9.44 18.04 12.96
N ASN B 23 -8.50 18.16 12.01
CA ASN B 23 -7.66 19.29 11.94
C ASN B 23 -8.61 20.50 11.58
N LYS B 24 -9.49 20.31 10.61
CA LYS B 24 -10.40 21.38 10.17
C LYS B 24 -11.38 21.78 11.30
N GLU B 25 -11.77 20.81 12.11
CA GLU B 25 -12.71 21.03 13.24
C GLU B 25 -12.03 21.42 14.52
N ASN B 26 -10.72 21.59 14.50
CA ASN B 26 -9.93 21.98 15.65
C ASN B 26 -10.09 21.03 16.88
N ARG B 27 -10.04 19.71 16.60
CA ARG B 27 -10.19 18.66 17.63
C ARG B 27 -8.87 17.93 17.85
N PHE B 28 -8.55 17.64 19.10
CA PHE B 28 -7.45 16.70 19.39
C PHE B 28 -7.80 15.31 18.79
N THR B 29 -6.84 14.73 18.05
CA THR B 29 -7.12 13.47 17.33
C THR B 29 -6.42 12.27 17.97
N GLY B 30 -5.09 12.32 18.05
CA GLY B 30 -4.30 11.17 18.54
C GLY B 30 -4.53 9.95 17.67
N TRP B 31 -4.88 8.85 18.27
CA TRP B 31 -5.07 7.58 17.54
C TRP B 31 -6.42 7.39 16.93
N VAL B 32 -7.33 8.37 17.03
CA VAL B 32 -8.64 8.24 16.41
C VAL B 32 -8.46 8.32 14.87
N ASP B 33 -9.00 7.35 14.17
CA ASP B 33 -8.67 7.10 12.74
C ASP B 33 -9.51 7.94 11.77
N VAL B 34 -9.33 9.23 11.84
CA VAL B 34 -10.07 10.17 11.01
C VAL B 34 -9.46 10.29 9.62
N ASP B 35 -10.22 10.73 8.65
CA ASP B 35 -9.73 10.76 7.30
C ASP B 35 -9.39 12.18 6.87
N LEU B 36 -8.89 12.28 5.64
CA LEU B 36 -8.55 13.54 5.03
C LEU B 36 -9.79 14.33 4.59
N THR B 37 -9.69 15.65 4.64
CA THR B 37 -10.63 16.52 3.97
C THR B 37 -10.31 16.60 2.48
N GLU B 38 -11.19 17.26 1.71
CA GLU B 38 -10.87 17.57 0.31
C GLU B 38 -9.59 18.35 0.18
N GLN B 39 -9.40 19.38 1.01
CA GLN B 39 -8.16 20.11 1.06
C GLN B 39 -6.96 19.19 1.37
N GLY B 40 -7.10 18.31 2.34
CA GLY B 40 -5.98 17.38 2.62
C GLY B 40 -5.62 16.44 1.46
N ASN B 41 -6.61 15.98 0.73
CA ASN B 41 -6.36 15.19 -0.49
C ASN B 41 -5.58 16.05 -1.50
N ARG B 42 -5.99 17.31 -1.64
CA ARG B 42 -5.35 18.27 -2.54
C ARG B 42 -3.92 18.52 -2.14
N GLU B 43 -3.67 18.75 -0.85
CA GLU B 43 -2.37 18.94 -0.33
C GLU B 43 -1.44 17.73 -0.60
N ALA B 44 -1.96 16.52 -0.35
CA ALA B 44 -1.19 15.30 -0.62
C ALA B 44 -0.79 15.15 -2.10
N ARG B 45 -1.75 15.41 -3.01
CA ARG B 45 -1.46 15.33 -4.44
C ARG B 45 -0.47 16.41 -4.87
N GLN B 46 -0.62 17.62 -4.34
CA GLN B 46 0.40 18.65 -4.56
C GLN B 46 1.81 18.33 -4.08
N ALA B 47 1.94 17.67 -2.92
CA ALA B 47 3.25 17.21 -2.40
C ALA B 47 3.87 16.20 -3.33
N GLY B 48 3.07 15.26 -3.79
CA GLY B 48 3.57 14.24 -4.75
C GLY B 48 4.01 14.87 -6.08
N GLN B 49 3.24 15.82 -6.55
CA GLN B 49 3.70 16.55 -7.79
C GLN B 49 4.98 17.35 -7.63
N LEU B 50 5.15 18.03 -6.51
CA LEU B 50 6.36 18.70 -6.10
C LEU B 50 7.57 17.72 -6.12
N LEU B 51 7.45 16.55 -5.51
CA LEU B 51 8.53 15.60 -5.41
C LEU B 51 8.85 15.09 -6.82
N LYS B 52 7.83 14.77 -7.59
CA LYS B 52 8.01 14.28 -8.96
C LYS B 52 8.78 15.31 -9.80
N GLU B 53 8.32 16.55 -9.75
CA GLU B 53 8.94 17.59 -10.60
C GLU B 53 10.36 17.91 -10.16
N ALA B 54 10.69 17.70 -8.88
CA ALA B 54 12.02 17.93 -8.31
C ALA B 54 12.98 16.73 -8.62
N GLY B 55 12.38 15.70 -9.17
CA GLY B 55 13.09 14.46 -9.54
C GLY B 55 13.36 13.40 -8.52
N TYR B 56 12.65 13.51 -7.40
CA TYR B 56 12.84 12.57 -6.32
C TYR B 56 12.23 11.22 -6.72
N THR B 57 12.79 10.15 -6.20
CA THR B 57 12.15 8.86 -6.27
C THR B 57 12.33 8.17 -4.91
N PHE B 58 11.56 7.08 -4.68
CA PHE B 58 11.72 6.28 -3.52
C PHE B 58 11.66 4.79 -3.81
N ASP B 59 12.35 4.03 -2.98
CA ASP B 59 12.33 2.56 -3.05
C ASP B 59 11.43 1.89 -2.04
N ILE B 60 11.18 2.57 -0.93
CA ILE B 60 10.43 2.06 0.26
C ILE B 60 9.73 3.25 0.89
N ALA B 61 8.53 3.04 1.46
CA ALA B 61 7.91 4.06 2.30
C ALA B 61 7.49 3.46 3.65
N TYR B 62 7.52 4.28 4.65
CA TYR B 62 7.04 3.92 5.98
C TYR B 62 5.87 4.86 6.28
N THR B 63 4.86 4.36 6.96
CA THR B 63 3.73 5.12 7.42
C THR B 63 3.15 4.48 8.68
N SER B 64 2.15 5.14 9.21
CA SER B 64 1.46 4.64 10.40
C SER B 64 0.44 3.63 10.03
N VAL B 65 -0.45 3.24 10.98
CA VAL B 65 -1.64 2.51 10.61
C VAL B 65 -2.96 3.35 10.54
N LEU B 66 -2.79 4.68 10.50
CA LEU B 66 -3.88 5.64 10.56
C LEU B 66 -4.17 6.13 9.12
N LYS B 67 -5.41 6.06 8.67
CA LYS B 67 -5.70 6.30 7.32
C LYS B 67 -5.39 7.66 6.80
N ARG B 68 -5.39 8.70 7.63
CA ARG B 68 -5.04 10.01 7.11
C ARG B 68 -3.60 10.02 6.60
N ALA B 69 -2.68 9.32 7.27
CA ALA B 69 -1.28 9.25 6.84
C ALA B 69 -1.21 8.33 5.63
N ILE B 70 -1.94 7.18 5.64
CA ILE B 70 -1.77 6.21 4.55
C ILE B 70 -2.33 6.82 3.28
N ARG B 71 -3.44 7.54 3.35
CA ARG B 71 -4.06 8.12 2.15
C ARG B 71 -3.15 9.21 1.63
N THR B 72 -2.50 9.99 2.49
CA THR B 72 -1.49 10.91 2.06
C THR B 72 -0.46 10.24 1.24
N LEU B 73 0.13 9.19 1.78
CA LEU B 73 1.03 8.39 1.00
C LEU B 73 0.50 7.88 -0.33
N TRP B 74 -0.70 7.35 -0.37
CA TRP B 74 -1.28 6.89 -1.64
C TRP B 74 -1.32 7.98 -2.65
N HIS B 75 -1.70 9.21 -2.29
CA HIS B 75 -1.66 10.33 -3.29
C HIS B 75 -0.27 10.62 -3.75
N VAL B 76 0.71 10.62 -2.87
CA VAL B 76 2.10 10.86 -3.24
C VAL B 76 2.50 9.77 -4.22
N GLN B 77 2.23 8.51 -3.88
CA GLN B 77 2.57 7.39 -4.78
C GLN B 77 1.95 7.47 -6.14
N ASP B 78 0.71 7.85 -6.17
CA ASP B 78 -0.12 7.96 -7.43
C ASP B 78 0.52 9.06 -8.28
N GLN B 79 0.81 10.19 -7.69
CA GLN B 79 1.40 11.30 -8.50
C GLN B 79 2.77 10.97 -9.00
N MET B 80 3.54 10.23 -8.25
CA MET B 80 4.92 9.88 -8.57
C MET B 80 5.08 8.66 -9.44
N ASP B 81 3.99 7.93 -9.69
CA ASP B 81 4.05 6.62 -10.31
C ASP B 81 4.94 5.67 -9.58
N LEU B 82 4.67 5.53 -8.26
CA LEU B 82 5.39 4.70 -7.36
C LEU B 82 4.38 3.83 -6.56
N MET B 83 3.33 3.38 -7.18
CA MET B 83 2.32 2.64 -6.44
C MET B 83 2.71 1.24 -6.10
N TYR B 84 3.80 0.79 -6.64
CA TYR B 84 4.30 -0.57 -6.53
C TYR B 84 5.40 -0.77 -5.44
N VAL B 85 5.86 0.30 -4.83
CA VAL B 85 6.91 0.18 -3.87
C VAL B 85 6.48 -0.47 -2.53
N PRO B 86 7.43 -1.15 -1.87
CA PRO B 86 7.01 -1.65 -0.57
C PRO B 86 6.68 -0.55 0.42
N VAL B 87 5.69 -0.79 1.25
CA VAL B 87 5.28 0.13 2.28
C VAL B 87 5.17 -0.64 3.58
N VAL B 88 5.77 -0.10 4.58
CA VAL B 88 5.75 -0.65 5.94
C VAL B 88 4.81 0.22 6.74
N HIS B 89 3.68 -0.36 7.21
CA HIS B 89 2.71 0.34 8.01
C HIS B 89 2.96 -0.03 9.48
N SER B 90 3.27 0.89 10.32
CA SER B 90 3.71 0.59 11.71
C SER B 90 2.91 1.47 12.68
N TRP B 91 2.29 0.86 13.66
CA TRP B 91 1.79 1.59 14.80
C TRP B 91 2.76 2.48 15.52
N ARG B 92 4.06 2.17 15.38
CA ARG B 92 5.14 3.01 15.94
C ARG B 92 5.20 4.44 15.37
N LEU B 93 4.60 4.60 14.17
CA LEU B 93 4.56 5.95 13.57
C LEU B 93 3.28 6.67 13.81
N ASN B 94 2.33 6.06 14.57
CA ASN B 94 1.08 6.75 14.93
C ASN B 94 1.38 8.05 15.66
N GLU B 95 0.45 8.97 15.49
CA GLU B 95 0.44 10.20 16.19
C GLU B 95 0.48 9.96 17.68
N ARG B 96 0.97 10.93 18.42
CA ARG B 96 0.97 10.86 19.87
C ARG B 96 -0.49 10.62 20.36
N HIS B 97 -0.63 9.72 21.30
CA HIS B 97 -1.93 9.38 21.88
C HIS B 97 -2.44 10.52 22.80
N TYR B 98 -3.63 11.05 22.53
CA TYR B 98 -4.14 12.21 23.26
C TYR B 98 -5.04 11.81 24.48
N GLY B 99 -5.07 10.56 24.85
CA GLY B 99 -5.93 10.14 25.96
C GLY B 99 -7.36 10.60 25.87
N ALA B 100 -7.86 11.02 27.05
CA ALA B 100 -9.26 11.44 27.16
C ALA B 100 -9.56 12.79 26.48
N LEU B 101 -8.52 13.49 25.98
CA LEU B 101 -8.73 14.69 25.16
C LEU B 101 -9.15 14.36 23.71
N SER B 102 -8.97 13.10 23.32
CA SER B 102 -9.16 12.69 21.94
C SER B 102 -10.63 12.93 21.55
N GLY B 103 -10.83 13.73 20.48
CA GLY B 103 -12.15 14.13 20.08
C GLY B 103 -12.65 15.47 20.59
N LEU B 104 -12.02 16.01 21.61
CA LEU B 104 -12.52 17.29 22.20
C LEU B 104 -12.07 18.44 21.32
N ASN B 105 -12.90 19.48 21.21
CA ASN B 105 -12.44 20.70 20.51
C ASN B 105 -11.46 21.48 21.35
N LYS B 106 -10.34 21.93 20.76
CA LYS B 106 -9.26 22.49 21.51
C LYS B 106 -9.57 23.88 22.10
N ALA B 107 -10.25 24.71 21.34
CA ALA B 107 -10.74 25.98 21.89
C ALA B 107 -11.75 25.75 23.09
N GLU B 108 -12.75 24.86 22.96
CA GLU B 108 -13.63 24.50 24.08
C GLU B 108 -12.87 24.02 25.32
N THR B 109 -11.82 23.23 25.12
CA THR B 109 -11.03 22.72 26.21
C THR B 109 -10.29 23.81 26.91
N ALA B 110 -9.70 24.70 26.13
CA ALA B 110 -8.97 25.85 26.73
C ALA B 110 -9.89 26.79 27.52
N ALA B 111 -11.07 27.03 27.02
CA ALA B 111 -12.13 27.81 27.75
C ALA B 111 -12.47 27.13 29.08
N LYS B 112 -12.65 25.82 29.07
CA LYS B 112 -13.05 25.12 30.31
C LYS B 112 -11.92 25.02 31.30
N TYR B 113 -10.72 24.65 30.82
CA TYR B 113 -9.61 24.29 31.70
C TYR B 113 -8.52 25.33 31.79
N GLY B 114 -8.58 26.28 30.88
CA GLY B 114 -7.61 27.37 30.80
C GLY B 114 -6.56 27.12 29.76
N ASP B 115 -6.14 28.22 29.13
CA ASP B 115 -5.09 28.20 28.12
C ASP B 115 -3.79 27.56 28.57
N GLU B 116 -3.30 27.87 29.78
CA GLU B 116 -2.07 27.31 30.25
C GLU B 116 -2.13 25.80 30.41
N GLN B 117 -3.24 25.30 30.95
CA GLN B 117 -3.43 23.85 31.15
C GLN B 117 -3.42 23.12 29.82
N VAL B 118 -4.10 23.71 28.85
CA VAL B 118 -4.09 23.12 27.49
C VAL B 118 -2.73 23.07 26.87
N LEU B 119 -1.93 24.13 27.08
CA LEU B 119 -0.65 24.25 26.42
C LEU B 119 0.23 23.21 27.11
N VAL B 120 0.10 22.97 28.42
CA VAL B 120 0.90 21.90 29.10
C VAL B 120 0.52 20.52 28.53
N TRP B 121 -0.79 20.27 28.35
CA TRP B 121 -1.20 18.98 27.80
C TRP B 121 -0.72 18.78 26.38
N ARG B 122 -0.66 19.86 25.57
CA ARG B 122 -0.27 19.77 24.22
C ARG B 122 1.24 19.62 24.08
N ARG B 123 2.00 20.35 24.90
CA ARG B 123 3.43 20.60 24.61
C ARG B 123 4.43 20.39 25.72
N SER B 124 3.99 20.07 26.95
CA SER B 124 4.97 19.72 27.97
C SER B 124 5.66 18.41 27.52
N TYR B 125 6.98 18.44 27.42
CA TYR B 125 7.70 17.29 26.89
C TYR B 125 7.30 16.04 27.68
N ASP B 126 7.14 16.24 28.99
CA ASP B 126 7.08 15.18 29.99
C ASP B 126 5.78 15.04 30.76
N THR B 127 4.73 15.82 30.45
CA THR B 127 3.45 15.66 31.20
C THR B 127 2.32 15.26 30.23
N PRO B 128 1.65 14.13 30.52
CA PRO B 128 0.70 13.63 29.50
C PRO B 128 -0.71 14.17 29.69
N PRO B 129 -1.51 14.11 28.66
CA PRO B 129 -2.96 14.40 28.83
C PRO B 129 -3.58 13.41 29.81
N PRO B 130 -4.78 13.73 30.33
CA PRO B 130 -5.52 12.75 31.13
C PRO B 130 -5.75 11.47 30.34
N ALA B 131 -5.60 10.34 30.98
CA ALA B 131 -5.68 9.03 30.32
C ALA B 131 -7.13 8.65 30.04
N LEU B 132 -7.35 7.93 28.93
CA LEU B 132 -8.57 7.11 28.78
C LEU B 132 -8.74 6.09 29.93
N GLU B 133 -10.00 5.87 30.34
CA GLU B 133 -10.29 4.64 31.12
C GLU B 133 -10.09 3.39 30.25
N PRO B 134 -9.74 2.26 30.86
CA PRO B 134 -9.39 1.11 30.05
C PRO B 134 -10.61 0.53 29.32
N GLY B 135 -11.82 0.82 29.77
CA GLY B 135 -13.03 0.39 29.09
C GLY B 135 -13.60 1.38 28.09
N ASP B 136 -12.86 2.46 27.79
CA ASP B 136 -13.43 3.49 26.90
C ASP B 136 -13.45 2.88 25.43
N GLU B 137 -14.46 3.27 24.65
CA GLU B 137 -14.60 2.95 23.21
C GLU B 137 -13.35 3.36 22.42
N ARG B 138 -12.68 4.41 22.92
CA ARG B 138 -11.55 5.03 22.21
C ARG B 138 -10.29 4.19 22.55
N ALA B 139 -10.31 3.28 23.54
CA ALA B 139 -9.13 2.46 23.88
C ALA B 139 -8.71 1.44 22.74
N PRO B 140 -7.44 1.02 22.72
CA PRO B 140 -7.02 0.35 21.52
C PRO B 140 -7.04 -1.16 21.58
N TYR B 141 -7.56 -1.74 22.68
CA TYR B 141 -7.26 -3.14 22.91
C TYR B 141 -7.96 -4.13 22.00
N ALA B 142 -9.10 -3.76 21.50
CA ALA B 142 -9.90 -4.61 20.61
C ALA B 142 -9.70 -4.32 19.10
N ASP B 143 -8.88 -3.32 18.76
CA ASP B 143 -8.72 -2.93 17.34
C ASP B 143 -7.73 -3.89 16.68
N PRO B 144 -8.09 -4.41 15.50
CA PRO B 144 -7.28 -5.36 14.81
C PRO B 144 -5.95 -4.81 14.38
N ARG B 145 -5.85 -3.45 14.27
CA ARG B 145 -4.54 -2.85 14.06
C ARG B 145 -3.47 -3.24 15.02
N TYR B 146 -3.87 -3.49 16.28
CA TYR B 146 -2.94 -3.65 17.38
C TYR B 146 -3.05 -5.06 17.97
N ALA B 147 -3.71 -5.96 17.25
CA ALA B 147 -3.89 -7.37 17.74
C ALA B 147 -2.58 -8.11 18.08
N LYS B 148 -1.45 -7.74 17.48
CA LYS B 148 -0.16 -8.35 17.80
C LYS B 148 0.80 -7.51 18.66
N VAL B 149 0.29 -6.38 19.20
CA VAL B 149 1.09 -5.54 20.08
C VAL B 149 0.84 -5.98 21.50
N PRO B 150 1.93 -6.17 22.29
CA PRO B 150 1.78 -6.49 23.70
C PRO B 150 0.91 -5.48 24.39
N ARG B 151 -0.14 -5.97 25.09
N ARG B 151 -0.13 -5.97 25.09
CA ARG B 151 -1.15 -5.09 25.68
CA ARG B 151 -1.14 -5.14 25.77
C ARG B 151 -0.49 -3.98 26.54
C ARG B 151 -0.47 -3.99 26.53
N GLU B 152 0.66 -4.28 27.16
CA GLU B 152 1.33 -3.34 28.04
C GLU B 152 2.10 -2.26 27.34
N GLN B 153 2.31 -2.41 26.03
CA GLN B 153 2.96 -1.37 25.25
C GLN B 153 1.89 -0.46 24.62
N LEU B 154 0.61 -0.77 24.76
CA LEU B 154 -0.42 0.07 24.18
C LEU B 154 -0.81 1.21 25.14
N PRO B 155 -0.78 2.45 24.64
CA PRO B 155 -1.06 3.59 25.52
C PRO B 155 -2.51 3.94 25.66
N LEU B 156 -2.90 4.44 26.85
CA LEU B 156 -4.14 5.12 27.12
C LEU B 156 -3.95 6.66 27.19
N THR B 157 -2.71 7.13 27.06
CA THR B 157 -2.29 8.54 26.88
C THR B 157 -0.79 8.55 26.64
N GLU B 158 -0.25 9.63 26.05
CA GLU B 158 1.20 9.81 25.82
C GLU B 158 1.60 11.25 25.96
N CYS B 159 2.81 11.47 26.48
CA CYS B 159 3.53 12.72 26.26
C CYS B 159 4.52 12.51 25.10
N LEU B 160 5.15 13.57 24.59
CA LEU B 160 6.11 13.42 23.46
C LEU B 160 7.34 12.44 23.74
N LYS B 161 7.61 12.40 25.09
CA LYS B 161 8.67 11.55 25.60
C LYS B 161 8.37 10.10 25.38
N ASP B 162 7.11 9.71 25.63
CA ASP B 162 6.62 8.38 25.33
C ASP B 162 6.58 8.18 23.81
N THR B 163 6.17 9.20 23.05
CA THR B 163 6.15 9.09 21.57
C THR B 163 7.58 8.84 21.00
N VAL B 164 8.54 9.56 21.55
CA VAL B 164 9.89 9.34 21.08
C VAL B 164 10.32 7.86 21.37
N ALA B 165 10.03 7.34 22.59
CA ALA B 165 10.42 5.99 22.96
C ALA B 165 9.78 4.89 22.07
N ARG B 166 8.55 5.19 21.58
CA ARG B 166 7.75 4.32 20.76
C ARG B 166 8.24 4.32 19.29
N VAL B 167 8.70 5.46 18.81
CA VAL B 167 9.15 5.63 17.37
C VAL B 167 10.53 5.02 17.22
N LEU B 168 11.38 5.22 18.22
CA LEU B 168 12.81 4.84 18.08
C LEU B 168 13.13 3.40 17.62
N PRO B 169 12.47 2.37 18.13
CA PRO B 169 12.67 0.99 17.69
C PRO B 169 12.49 0.82 16.16
N LEU B 170 11.54 1.54 15.58
CA LEU B 170 11.26 1.37 14.15
C LEU B 170 12.43 2.01 13.40
N TRP B 171 12.91 3.14 13.88
CA TRP B 171 14.10 3.79 13.29
C TRP B 171 15.32 2.85 13.38
N ASN B 172 15.62 2.39 14.58
CA ASN B 172 16.82 1.57 14.73
C ASN B 172 16.76 0.23 14.05
N GLU B 173 15.61 -0.45 14.04
CA GLU B 173 15.43 -1.81 13.51
C GLU B 173 15.11 -1.92 12.05
N SER B 174 14.37 -0.95 11.51
N SER B 174 14.64 -0.84 11.43
CA SER B 174 13.87 -0.97 10.14
CA SER B 174 14.21 -0.92 10.07
C SER B 174 14.35 0.16 9.21
C SER B 174 14.66 0.28 9.25
N ILE B 175 14.24 1.44 9.64
CA ILE B 175 14.41 2.59 8.71
C ILE B 175 15.88 2.92 8.53
N ALA B 176 16.62 2.96 9.62
CA ALA B 176 18.05 3.24 9.53
C ALA B 176 18.78 2.15 8.74
N PRO B 177 18.49 0.88 8.95
CA PRO B 177 19.10 -0.16 8.10
C PRO B 177 18.75 0.01 6.62
N ALA B 178 17.52 0.43 6.27
CA ALA B 178 17.16 0.67 4.88
C ALA B 178 17.94 1.81 4.30
N VAL B 179 18.10 2.88 5.05
CA VAL B 179 18.82 4.05 4.57
C VAL B 179 20.27 3.63 4.27
N LYS B 180 20.87 2.92 5.20
CA LYS B 180 22.30 2.45 4.98
C LYS B 180 22.43 1.37 3.87
N ALA B 181 21.36 0.70 3.50
CA ALA B 181 21.37 -0.31 2.46
C ALA B 181 21.27 0.40 1.11
N GLY B 182 21.11 1.73 1.12
CA GLY B 182 20.96 2.54 -0.10
C GLY B 182 19.54 2.72 -0.65
N LYS B 183 18.53 2.40 0.16
CA LYS B 183 17.20 2.63 -0.23
C LYS B 183 16.87 4.11 -0.03
N GLN B 184 16.09 4.63 -0.97
CA GLN B 184 15.58 5.99 -0.92
C GLN B 184 14.23 5.92 -0.20
N VAL B 185 14.22 6.43 1.02
CA VAL B 185 13.08 6.28 1.91
C VAL B 185 12.20 7.55 1.99
N LEU B 186 10.91 7.32 2.04
CA LEU B 186 9.94 8.25 2.41
C LEU B 186 9.23 7.82 3.72
N ILE B 187 8.95 8.79 4.61
CA ILE B 187 8.16 8.60 5.85
C ILE B 187 6.95 9.54 5.82
N ALA B 188 5.74 8.95 5.77
CA ALA B 188 4.50 9.70 5.79
C ALA B 188 3.82 9.45 7.11
N ALA B 189 3.73 10.45 7.95
CA ALA B 189 3.27 10.26 9.29
C ALA B 189 2.53 11.49 9.85
N HIS B 190 2.75 11.84 11.10
CA HIS B 190 1.96 12.75 11.90
C HIS B 190 2.84 13.83 12.53
N GLY B 191 2.15 14.91 12.88
CA GLY B 191 2.83 16.11 13.51
C GLY B 191 3.70 15.70 14.67
N ASN B 192 3.17 14.95 15.66
CA ASN B 192 3.96 14.71 16.85
C ASN B 192 4.89 13.50 16.72
N SER B 193 4.58 12.48 15.86
CA SER B 193 5.53 11.43 15.66
C SER B 193 6.71 11.88 14.79
N LEU B 194 6.50 12.84 13.86
CA LEU B 194 7.63 13.43 13.17
C LEU B 194 8.43 14.40 14.11
N ARG B 195 7.77 15.14 14.99
CA ARG B 195 8.47 15.98 15.97
C ARG B 195 9.31 15.06 16.81
N ALA B 196 8.76 13.90 17.14
CA ALA B 196 9.52 12.87 17.91
C ALA B 196 10.76 12.34 17.22
N LEU B 197 10.62 11.94 15.98
CA LEU B 197 11.72 11.50 15.19
C LEU B 197 12.76 12.57 14.91
N ILE B 198 12.34 13.80 14.58
CA ILE B 198 13.25 14.95 14.36
C ILE B 198 14.03 15.32 15.63
N LYS B 199 13.36 15.16 16.77
CA LYS B 199 14.03 15.45 18.06
C LYS B 199 15.24 14.54 18.18
N TYR B 200 15.05 13.28 17.82
CA TYR B 200 16.11 12.28 17.93
C TYR B 200 17.14 12.57 16.83
N LEU B 201 16.72 12.78 15.57
CA LEU B 201 17.68 12.92 14.43
C LEU B 201 18.56 14.16 14.59
N ASP B 202 17.97 15.28 14.99
CA ASP B 202 18.74 16.53 15.20
C ASP B 202 19.32 16.69 16.62
N GLY B 203 19.13 15.73 17.52
CA GLY B 203 19.64 15.90 18.91
C GLY B 203 19.11 17.17 19.59
N ILE B 204 17.81 17.43 19.38
CA ILE B 204 17.14 18.61 19.91
C ILE B 204 16.82 18.42 21.40
N SER B 205 17.03 19.45 22.21
CA SER B 205 16.78 19.28 23.63
C SER B 205 15.32 19.25 23.97
N ASP B 206 15.00 18.79 25.17
CA ASP B 206 13.59 18.75 25.61
C ASP B 206 12.92 20.11 25.57
N ALA B 207 13.63 21.18 25.94
CA ALA B 207 13.07 22.53 25.85
C ALA B 207 12.94 23.10 24.45
N ASP B 208 13.88 22.76 23.58
CA ASP B 208 13.91 23.32 22.28
C ASP B 208 12.82 22.71 21.39
N ILE B 209 12.40 21.48 21.69
CA ILE B 209 11.45 20.81 20.81
C ILE B 209 10.06 21.46 20.93
N VAL B 210 9.80 22.19 22.01
CA VAL B 210 8.46 22.58 22.34
C VAL B 210 7.83 23.52 21.33
N GLY B 211 8.65 24.25 20.61
CA GLY B 211 8.18 25.26 19.61
C GLY B 211 8.18 24.80 18.15
N LEU B 212 8.53 23.52 17.93
CA LEU B 212 8.62 22.99 16.55
C LEU B 212 7.22 22.56 16.09
N ASN B 213 6.76 23.08 14.94
CA ASN B 213 5.46 22.76 14.41
C ASN B 213 5.71 22.33 12.95
N ILE B 214 5.06 21.23 12.52
CA ILE B 214 5.22 20.73 11.15
C ILE B 214 3.93 20.94 10.40
N PRO B 215 3.98 21.65 9.27
CA PRO B 215 2.81 21.84 8.42
C PRO B 215 2.28 20.54 7.77
N ASN B 216 0.98 20.49 7.55
CA ASN B 216 0.38 19.40 6.78
C ASN B 216 0.89 19.38 5.33
N GLY B 217 1.27 18.24 4.86
CA GLY B 217 1.51 18.02 3.43
C GLY B 217 2.67 18.72 2.76
N VAL B 218 3.71 19.08 3.49
CA VAL B 218 4.85 19.73 2.90
C VAL B 218 6.06 18.81 3.04
N PRO B 219 6.67 18.38 1.93
CA PRO B 219 7.86 17.53 2.08
C PRO B 219 9.04 18.18 2.80
N LEU B 220 9.62 17.47 3.74
CA LEU B 220 10.75 17.90 4.53
C LEU B 220 11.90 16.98 4.26
N VAL B 221 12.94 17.54 3.62
CA VAL B 221 14.07 16.76 3.17
C VAL B 221 15.20 16.86 4.18
N TYR B 222 15.72 15.74 4.70
CA TYR B 222 16.99 15.64 5.49
C TYR B 222 18.15 15.08 4.65
N GLU B 223 19.29 15.79 4.63
CA GLU B 223 20.50 15.22 4.02
C GLU B 223 21.30 14.70 5.24
N LEU B 224 21.71 13.44 5.19
CA LEU B 224 22.38 12.73 6.26
C LEU B 224 23.78 12.30 5.80
N ASP B 225 24.74 12.34 6.74
CA ASP B 225 26.07 11.86 6.44
C ASP B 225 26.20 10.35 6.67
N GLU B 226 27.43 9.81 6.56
CA GLU B 226 27.67 8.38 6.69
C GLU B 226 27.18 7.68 7.97
N SER B 227 27.18 8.44 9.07
N SER B 227 27.15 8.38 9.10
CA SER B 227 26.74 7.97 10.39
CA SER B 227 26.65 7.76 10.34
C SER B 227 25.29 8.38 10.66
C SER B 227 25.19 8.12 10.60
N LEU B 228 24.55 8.67 9.57
CA LEU B 228 23.17 9.19 9.64
C LEU B 228 22.97 10.50 10.44
N THR B 229 24.00 11.30 10.59
CA THR B 229 23.85 12.53 11.35
C THR B 229 23.46 13.58 10.34
N PRO B 230 22.46 14.44 10.63
CA PRO B 230 21.99 15.46 9.66
C PRO B 230 23.04 16.47 9.30
N ILE B 231 23.21 16.72 8.02
CA ILE B 231 24.00 17.83 7.46
C ILE B 231 23.17 19.11 7.33
N ARG B 232 21.97 18.98 6.78
CA ARG B 232 21.07 20.09 6.65
C ARG B 232 19.66 19.53 6.36
N HIS B 233 18.69 20.40 6.39
CA HIS B 233 17.32 20.01 6.08
C HIS B 233 16.60 21.20 5.56
N TYR B 234 15.54 20.97 4.80
CA TYR B 234 14.79 22.06 4.12
C TYR B 234 13.43 21.56 3.64
N TYR B 235 12.39 22.39 3.70
CA TYR B 235 11.14 22.09 3.07
C TYR B 235 11.26 22.19 1.56
N LEU B 236 10.46 21.43 0.81
CA LEU B 236 10.21 21.65 -0.62
C LEU B 236 8.97 22.51 -0.90
N GLY B 237 9.08 23.37 -1.92
CA GLY B 237 7.98 24.27 -2.31
C GLY B 237 8.48 25.72 -2.43
N MET C 9 -9.52 -25.77 7.78
CA MET C 9 -9.94 -25.30 6.45
C MET C 9 -9.38 -23.83 6.35
N TYR C 10 -9.09 -23.46 5.12
CA TYR C 10 -8.58 -22.10 4.81
C TYR C 10 -9.44 -21.46 3.77
N LYS C 11 -9.55 -20.11 3.74
CA LYS C 11 -10.17 -19.40 2.64
C LYS C 11 -9.13 -18.44 2.02
N LEU C 12 -9.15 -18.43 0.71
CA LEU C 12 -8.32 -17.56 -0.11
C LEU C 12 -9.22 -16.79 -1.05
N VAL C 13 -9.04 -15.46 -1.19
CA VAL C 13 -9.91 -14.61 -2.04
C VAL C 13 -9.02 -14.09 -3.19
N LEU C 14 -9.55 -14.26 -4.39
CA LEU C 14 -8.92 -13.75 -5.62
C LEU C 14 -9.78 -12.66 -6.20
N ILE C 15 -9.19 -11.65 -6.86
CA ILE C 15 -9.97 -10.66 -7.58
C ILE C 15 -9.15 -10.13 -8.78
N ARG C 16 -9.78 -10.08 -9.97
CA ARG C 16 -9.20 -9.44 -11.16
C ARG C 16 -9.42 -7.93 -11.05
N HIS C 17 -8.47 -7.12 -11.52
CA HIS C 17 -8.57 -5.65 -11.48
C HIS C 17 -9.89 -5.19 -12.17
N GLY C 18 -10.38 -4.08 -11.70
CA GLY C 18 -11.52 -3.43 -12.40
C GLY C 18 -11.19 -3.08 -13.88
N GLU C 19 -12.26 -2.70 -14.59
CA GLU C 19 -12.12 -2.28 -16.00
C GLU C 19 -10.98 -1.25 -16.15
N SER C 20 -10.03 -1.53 -17.05
CA SER C 20 -8.94 -0.64 -17.40
C SER C 20 -9.28 0.15 -18.68
N THR C 21 -8.50 1.17 -18.92
CA THR C 21 -8.71 2.01 -20.17
C THR C 21 -8.61 1.09 -21.40
N TRP C 22 -7.64 0.20 -21.41
CA TRP C 22 -7.48 -0.74 -22.55
C TRP C 22 -8.43 -1.84 -22.61
N ASN C 23 -9.04 -2.26 -21.49
CA ASN C 23 -10.19 -3.20 -21.57
C ASN C 23 -11.31 -2.50 -22.36
N LYS C 24 -11.59 -1.25 -22.00
CA LYS C 24 -12.63 -0.45 -22.65
C LYS C 24 -12.31 -0.31 -24.15
N GLU C 25 -11.04 -0.03 -24.46
CA GLU C 25 -10.58 0.18 -25.88
C GLU C 25 -10.36 -1.16 -26.62
N ASN C 26 -10.62 -2.30 -26.01
CA ASN C 26 -10.39 -3.65 -26.57
C ASN C 26 -8.99 -3.84 -27.15
N ARG C 27 -7.96 -3.34 -26.41
N ARG C 27 -7.99 -3.56 -26.34
CA ARG C 27 -6.51 -3.41 -26.74
CA ARG C 27 -6.63 -3.69 -26.74
C ARG C 27 -5.76 -4.40 -25.82
C ARG C 27 -5.97 -4.69 -25.84
N PHE C 28 -4.94 -5.29 -26.41
CA PHE C 28 -4.12 -6.21 -25.68
C PHE C 28 -3.23 -5.36 -24.78
N THR C 29 -3.11 -5.75 -23.50
CA THR C 29 -2.41 -4.90 -22.55
C THR C 29 -1.09 -5.52 -22.09
N GLY C 30 -1.12 -6.69 -21.54
CA GLY C 30 0.06 -7.33 -21.00
C GLY C 30 0.71 -6.46 -19.89
N TRP C 31 1.99 -6.18 -20.01
CA TRP C 31 2.68 -5.40 -19.00
C TRP C 31 2.60 -3.88 -19.13
N VAL C 32 1.88 -3.39 -20.13
CA VAL C 32 1.74 -1.97 -20.23
C VAL C 32 0.93 -1.50 -19.02
N ASP C 33 1.40 -0.41 -18.41
CA ASP C 33 0.85 -0.01 -17.05
C ASP C 33 -0.32 0.97 -17.15
N VAL C 34 -1.44 0.56 -17.77
CA VAL C 34 -2.60 1.40 -17.94
C VAL C 34 -3.49 1.46 -16.65
N ASP C 35 -4.34 2.46 -16.52
CA ASP C 35 -5.01 2.69 -15.26
C ASP C 35 -6.42 2.27 -15.39
N LEU C 36 -7.13 2.26 -14.28
CA LEU C 36 -8.56 2.00 -14.28
C LEU C 36 -9.37 3.15 -14.91
N THR C 37 -10.49 2.77 -15.51
CA THR C 37 -11.57 3.71 -15.84
C THR C 37 -12.40 4.06 -14.62
N GLU C 38 -13.28 5.05 -14.73
CA GLU C 38 -14.21 5.32 -13.67
C GLU C 38 -15.07 4.11 -13.40
N GLN C 39 -15.55 3.37 -14.37
CA GLN C 39 -16.25 2.11 -14.23
C GLN C 39 -15.39 1.13 -13.42
N GLY C 40 -14.15 0.98 -13.77
CA GLY C 40 -13.33 0.03 -12.98
C GLY C 40 -13.12 0.49 -11.56
N ASN C 41 -12.98 1.74 -11.32
CA ASN C 41 -12.92 2.25 -9.91
C ASN C 41 -14.19 1.86 -9.14
N ARG C 42 -15.32 2.05 -9.76
CA ARG C 42 -16.61 1.68 -9.17
C ARG C 42 -16.74 0.16 -8.91
N GLU C 43 -16.28 -0.68 -9.84
CA GLU C 43 -16.30 -2.08 -9.73
C GLU C 43 -15.48 -2.46 -8.48
N ALA C 44 -14.31 -1.89 -8.35
CA ALA C 44 -13.38 -2.18 -7.20
C ALA C 44 -14.03 -1.81 -5.88
N ARG C 45 -14.63 -0.63 -5.79
CA ARG C 45 -15.30 -0.20 -4.59
C ARG C 45 -16.47 -1.17 -4.30
N GLN C 46 -17.24 -1.55 -5.32
CA GLN C 46 -18.36 -2.53 -5.09
C GLN C 46 -17.83 -3.84 -4.55
N ALA C 47 -16.71 -4.34 -5.05
CA ALA C 47 -16.17 -5.60 -4.59
C ALA C 47 -15.79 -5.44 -3.12
N GLY C 48 -15.22 -4.32 -2.73
CA GLY C 48 -14.83 -4.09 -1.31
C GLY C 48 -16.05 -4.08 -0.40
N GLN C 49 -17.11 -3.47 -0.87
CA GLN C 49 -18.37 -3.41 -0.12
C GLN C 49 -19.00 -4.77 -0.01
N LEU C 50 -19.00 -5.57 -1.05
CA LEU C 50 -19.47 -6.98 -1.01
C LEU C 50 -18.71 -7.78 0.04
N LEU C 51 -17.41 -7.64 0.08
CA LEU C 51 -16.57 -8.39 1.01
C LEU C 51 -16.87 -7.91 2.42
N LYS C 52 -16.98 -6.62 2.62
CA LYS C 52 -17.22 -6.06 3.98
C LYS C 52 -18.59 -6.55 4.48
N GLU C 53 -19.57 -6.51 3.63
CA GLU C 53 -20.98 -6.97 4.02
C GLU C 53 -21.01 -8.45 4.38
N ALA C 54 -20.19 -9.24 3.72
CA ALA C 54 -20.19 -10.71 3.91
C ALA C 54 -19.32 -11.08 5.15
N GLY C 55 -18.69 -10.09 5.77
CA GLY C 55 -17.83 -10.28 6.95
C GLY C 55 -16.40 -10.72 6.79
N TYR C 56 -15.90 -10.65 5.54
CA TYR C 56 -14.57 -11.11 5.26
C TYR C 56 -13.59 -10.06 5.75
N THR C 57 -12.45 -10.52 6.21
CA THR C 57 -11.35 -9.59 6.54
C THR C 57 -10.08 -10.23 6.01
N PHE C 58 -9.00 -9.44 5.93
CA PHE C 58 -7.72 -9.94 5.48
C PHE C 58 -6.62 -9.44 6.35
N ASP C 59 -5.59 -10.26 6.48
CA ASP C 59 -4.33 -9.97 7.20
C ASP C 59 -3.19 -9.46 6.29
N ILE C 60 -3.27 -9.83 5.02
CA ILE C 60 -2.21 -9.56 4.07
C ILE C 60 -2.84 -9.59 2.70
N ALA C 61 -2.27 -8.83 1.77
CA ALA C 61 -2.72 -8.93 0.37
C ALA C 61 -1.46 -9.02 -0.51
N TYR C 62 -1.68 -9.64 -1.68
CA TYR C 62 -0.67 -9.75 -2.73
C TYR C 62 -1.25 -9.12 -3.98
N THR C 63 -0.41 -8.40 -4.70
CA THR C 63 -0.77 -7.80 -6.02
C THR C 63 0.47 -7.81 -6.92
N SER C 64 0.22 -7.25 -8.11
CA SER C 64 1.29 -7.08 -9.11
C SER C 64 2.01 -5.77 -8.91
N VAL C 65 2.82 -5.38 -9.90
CA VAL C 65 3.46 -4.04 -9.85
C VAL C 65 2.70 -3.10 -10.80
N LEU C 66 1.57 -3.55 -11.28
CA LEU C 66 0.80 -2.84 -12.34
C LEU C 66 -0.37 -2.05 -11.71
N LYS C 67 -0.48 -0.73 -11.98
CA LYS C 67 -1.34 0.10 -11.20
C LYS C 67 -2.84 -0.24 -11.29
N ARG C 68 -3.29 -0.86 -12.37
CA ARG C 68 -4.68 -1.23 -12.46
C ARG C 68 -5.09 -2.21 -11.36
N ALA C 69 -4.19 -3.15 -11.09
CA ALA C 69 -4.39 -4.19 -9.98
C ALA C 69 -4.19 -3.47 -8.63
N ILE C 70 -3.15 -2.65 -8.49
CA ILE C 70 -2.90 -2.03 -7.20
C ILE C 70 -4.04 -1.13 -6.82
N ARG C 71 -4.52 -0.30 -7.76
CA ARG C 71 -5.63 0.62 -7.46
C ARG C 71 -6.89 -0.13 -7.15
N THR C 72 -7.12 -1.29 -7.78
CA THR C 72 -8.26 -2.11 -7.41
C THR C 72 -8.13 -2.53 -5.91
N LEU C 73 -6.94 -2.94 -5.53
CA LEU C 73 -6.69 -3.34 -4.15
C LEU C 73 -6.96 -2.15 -3.23
N TRP C 74 -6.43 -0.96 -3.57
CA TRP C 74 -6.59 0.21 -2.75
C TRP C 74 -8.11 0.49 -2.49
N HIS C 75 -8.94 0.40 -3.52
CA HIS C 75 -10.36 0.61 -3.35
C HIS C 75 -10.97 -0.44 -2.41
N VAL C 76 -10.54 -1.66 -2.54
CA VAL C 76 -11.08 -2.75 -1.73
C VAL C 76 -10.64 -2.40 -0.28
N GLN C 77 -9.39 -2.07 -0.03
CA GLN C 77 -8.86 -1.72 1.28
C GLN C 77 -9.61 -0.57 1.93
N ASP C 78 -9.84 0.44 1.16
CA ASP C 78 -10.57 1.65 1.61
C ASP C 78 -11.96 1.28 2.07
N GLN C 79 -12.72 0.59 1.23
CA GLN C 79 -14.09 0.22 1.59
C GLN C 79 -14.15 -0.73 2.76
N MET C 80 -13.14 -1.59 3.00
CA MET C 80 -13.18 -2.56 4.08
C MET C 80 -12.56 -1.99 5.37
N ASP C 81 -11.97 -0.80 5.28
CA ASP C 81 -11.19 -0.20 6.40
C ASP C 81 -9.99 -1.09 6.73
N LEU C 82 -9.24 -1.50 5.66
CA LEU C 82 -8.10 -2.28 5.80
C LEU C 82 -6.87 -1.67 5.14
N MET C 83 -6.77 -0.36 5.26
CA MET C 83 -5.65 0.40 4.54
C MET C 83 -4.33 0.14 5.13
N TYR C 84 -4.27 -0.47 6.33
CA TYR C 84 -3.04 -0.60 7.06
C TYR C 84 -2.36 -2.02 6.95
N VAL C 85 -3.01 -2.96 6.28
CA VAL C 85 -2.46 -4.32 6.23
C VAL C 85 -1.21 -4.42 5.35
N PRO C 86 -0.30 -5.30 5.65
CA PRO C 86 0.79 -5.37 4.68
C PRO C 86 0.37 -5.85 3.26
N VAL C 87 1.07 -5.28 2.24
CA VAL C 87 0.81 -5.59 0.85
C VAL C 87 2.13 -5.99 0.17
N VAL C 88 2.20 -7.16 -0.43
CA VAL C 88 3.36 -7.59 -1.21
C VAL C 88 3.01 -7.31 -2.68
N HIS C 89 3.81 -6.49 -3.35
CA HIS C 89 3.64 -6.14 -4.80
C HIS C 89 4.74 -6.94 -5.55
N SER C 90 4.33 -7.86 -6.36
CA SER C 90 5.27 -8.73 -7.04
C SER C 90 5.01 -8.74 -8.54
N TRP C 91 6.13 -8.55 -9.24
CA TRP C 91 6.14 -8.71 -10.69
C TRP C 91 5.68 -10.09 -11.17
N ARG C 92 5.77 -11.10 -10.25
CA ARG C 92 5.31 -12.43 -10.58
C ARG C 92 3.84 -12.53 -10.73
N LEU C 93 3.05 -11.53 -10.28
CA LEU C 93 1.62 -11.60 -10.44
C LEU C 93 1.13 -10.74 -11.60
N ASN C 94 2.10 -10.14 -12.29
CA ASN C 94 1.75 -9.36 -13.52
C ASN C 94 0.97 -10.19 -14.49
N GLU C 95 0.11 -9.51 -15.25
CA GLU C 95 -0.54 -10.07 -16.44
C GLU C 95 0.46 -10.75 -17.40
N ARG C 96 0.01 -11.77 -18.08
CA ARG C 96 0.82 -12.38 -19.14
C ARG C 96 1.27 -11.28 -20.08
N HIS C 97 2.53 -11.41 -20.45
CA HIS C 97 3.15 -10.46 -21.36
C HIS C 97 2.64 -10.72 -22.79
N TYR C 98 2.14 -9.73 -23.48
CA TYR C 98 1.53 -9.90 -24.80
C TYR C 98 2.52 -9.57 -25.94
N GLY C 99 3.77 -9.35 -25.59
CA GLY C 99 4.85 -9.11 -26.64
C GLY C 99 4.41 -7.98 -27.55
N ALA C 100 4.68 -8.16 -28.83
CA ALA C 100 4.37 -7.15 -29.83
C ALA C 100 2.89 -6.88 -30.11
N LEU C 101 1.98 -7.66 -29.57
CA LEU C 101 0.59 -7.35 -29.58
C LEU C 101 0.17 -6.23 -28.65
N SER C 102 1.03 -5.92 -27.70
CA SER C 102 0.68 -4.97 -26.61
C SER C 102 0.31 -3.67 -27.18
N GLY C 103 -0.89 -3.22 -26.93
CA GLY C 103 -1.33 -1.99 -27.45
C GLY C 103 -2.16 -2.03 -28.73
N LEU C 104 -2.22 -3.21 -29.36
CA LEU C 104 -3.03 -3.34 -30.59
C LEU C 104 -4.47 -3.61 -30.22
N ASN C 105 -5.40 -3.19 -31.08
CA ASN C 105 -6.82 -3.50 -30.92
C ASN C 105 -7.08 -4.94 -31.33
N LYS C 106 -7.83 -5.67 -30.53
CA LYS C 106 -7.97 -7.12 -30.74
C LYS C 106 -8.79 -7.44 -32.02
N ALA C 107 -9.82 -6.66 -32.27
CA ALA C 107 -10.67 -6.87 -33.47
C ALA C 107 -9.89 -6.50 -34.75
N GLU C 108 -9.16 -5.39 -34.74
CA GLU C 108 -8.30 -5.00 -35.90
C GLU C 108 -7.19 -6.02 -36.16
N THR C 109 -6.63 -6.59 -35.10
CA THR C 109 -5.70 -7.70 -35.20
C THR C 109 -6.31 -8.95 -35.84
N ALA C 110 -7.51 -9.37 -35.41
CA ALA C 110 -8.16 -10.55 -35.96
C ALA C 110 -8.45 -10.29 -37.48
N ALA C 111 -8.88 -9.07 -37.79
CA ALA C 111 -9.19 -8.63 -39.16
C ALA C 111 -7.95 -8.81 -40.03
N LYS C 112 -6.82 -8.30 -39.55
CA LYS C 112 -5.54 -8.44 -40.28
C LYS C 112 -4.94 -9.85 -40.36
N TYR C 113 -4.90 -10.60 -39.24
CA TYR C 113 -4.16 -11.87 -39.17
C TYR C 113 -5.06 -13.11 -39.18
N GLY C 114 -6.37 -12.92 -39.04
CA GLY C 114 -7.32 -14.06 -38.99
C GLY C 114 -7.68 -14.49 -37.58
N ASP C 115 -8.92 -14.94 -37.42
CA ASP C 115 -9.47 -15.21 -36.11
C ASP C 115 -8.73 -16.36 -35.41
N GLU C 116 -8.40 -17.38 -36.18
CA GLU C 116 -7.76 -18.57 -35.69
C GLU C 116 -6.45 -18.17 -35.02
N GLN C 117 -5.66 -17.46 -35.82
CA GLN C 117 -4.31 -16.96 -35.43
C GLN C 117 -4.40 -16.18 -34.13
N VAL C 118 -5.31 -15.23 -34.03
CA VAL C 118 -5.51 -14.49 -32.81
C VAL C 118 -5.91 -15.37 -31.66
N LEU C 119 -6.74 -16.37 -31.92
CA LEU C 119 -7.20 -17.18 -30.80
C LEU C 119 -6.06 -18.05 -30.31
N VAL C 120 -5.17 -18.49 -31.20
CA VAL C 120 -3.98 -19.21 -30.78
C VAL C 120 -3.14 -18.28 -29.89
N TRP C 121 -2.91 -17.04 -30.34
CA TRP C 121 -2.09 -16.07 -29.50
C TRP C 121 -2.77 -15.77 -28.13
N ARG C 122 -4.09 -15.82 -28.06
CA ARG C 122 -4.80 -15.46 -26.86
C ARG C 122 -4.89 -16.65 -25.88
N ARG C 123 -5.04 -17.85 -26.45
CA ARG C 123 -5.46 -18.99 -25.66
C ARG C 123 -4.72 -20.30 -25.88
N SER C 124 -3.82 -20.45 -26.86
CA SER C 124 -2.97 -21.64 -26.87
C SER C 124 -2.04 -21.66 -25.65
N TYR C 125 -2.13 -22.72 -24.83
CA TYR C 125 -1.36 -22.84 -23.62
C TYR C 125 0.09 -22.57 -23.79
N ASP C 126 0.65 -23.04 -24.89
CA ASP C 126 2.07 -23.13 -25.04
C ASP C 126 2.61 -22.48 -26.32
N THR C 127 1.82 -21.61 -26.95
CA THR C 127 2.39 -20.80 -28.07
C THR C 127 2.30 -19.31 -27.73
N PRO C 128 3.46 -18.62 -27.73
CA PRO C 128 3.41 -17.20 -27.35
C PRO C 128 3.13 -16.27 -28.51
N PRO C 129 2.64 -15.06 -28.23
CA PRO C 129 2.49 -13.96 -29.18
C PRO C 129 3.88 -13.63 -29.71
N PRO C 130 3.92 -12.99 -30.90
CA PRO C 130 5.18 -12.44 -31.43
C PRO C 130 5.83 -11.53 -30.38
N ALA C 131 7.12 -11.71 -30.26
CA ALA C 131 7.90 -11.00 -29.25
C ALA C 131 8.23 -9.56 -29.58
N LEU C 132 8.38 -8.75 -28.53
CA LEU C 132 8.98 -7.47 -28.68
C LEU C 132 10.47 -7.67 -29.12
N GLU C 133 10.93 -6.71 -29.95
CA GLU C 133 12.35 -6.51 -30.13
C GLU C 133 13.03 -6.00 -28.83
N PRO C 134 14.27 -6.42 -28.57
CA PRO C 134 14.76 -6.05 -27.25
C PRO C 134 14.94 -4.53 -27.15
N GLY C 135 14.98 -3.82 -28.27
CA GLY C 135 15.02 -2.31 -28.20
C GLY C 135 13.71 -1.53 -28.17
N ASP C 136 12.61 -2.25 -28.10
CA ASP C 136 11.31 -1.59 -28.16
C ASP C 136 11.16 -0.76 -26.81
N GLU C 137 10.44 0.35 -26.90
CA GLU C 137 10.14 1.20 -25.73
C GLU C 137 9.28 0.39 -24.75
N ARG C 138 8.51 -0.57 -25.24
CA ARG C 138 7.67 -1.40 -24.42
C ARG C 138 8.54 -2.44 -23.63
N ALA C 139 9.83 -2.61 -23.90
CA ALA C 139 10.60 -3.70 -23.29
C ALA C 139 10.87 -3.37 -21.79
N PRO C 140 11.06 -4.37 -20.93
CA PRO C 140 11.03 -4.05 -19.50
C PRO C 140 12.39 -3.72 -18.86
N TYR C 141 13.48 -3.71 -19.64
CA TYR C 141 14.80 -3.70 -19.02
C TYR C 141 15.19 -2.43 -18.25
N ALA C 142 14.66 -1.27 -18.60
CA ALA C 142 15.06 0.03 -17.97
C ALA C 142 14.04 0.44 -16.88
N ASP C 143 12.97 -0.35 -16.70
CA ASP C 143 11.88 -0.01 -15.78
C ASP C 143 12.23 -0.32 -14.33
N PRO C 144 12.21 0.71 -13.42
CA PRO C 144 12.54 0.48 -12.04
C PRO C 144 11.78 -0.63 -11.36
N ARG C 145 10.59 -0.94 -11.85
CA ARG C 145 9.89 -2.11 -11.27
C ARG C 145 10.67 -3.45 -11.25
N TYR C 146 11.56 -3.58 -12.23
CA TYR C 146 12.17 -4.82 -12.59
C TYR C 146 13.66 -4.69 -12.43
N ALA C 147 14.11 -3.64 -11.74
CA ALA C 147 15.56 -3.37 -11.64
C ALA C 147 16.31 -4.50 -10.98
N LYS C 148 15.68 -5.17 -10.05
CA LYS C 148 16.31 -6.21 -9.28
C LYS C 148 16.04 -7.61 -9.80
N VAL C 149 15.43 -7.70 -11.00
CA VAL C 149 15.20 -8.98 -11.63
C VAL C 149 16.28 -9.28 -12.68
N PRO C 150 16.90 -10.49 -12.65
CA PRO C 150 17.93 -10.81 -13.64
C PRO C 150 17.34 -10.67 -15.04
N ARG C 151 18.08 -10.04 -15.95
N ARG C 151 18.11 -10.04 -15.93
CA ARG C 151 17.55 -9.74 -17.28
CA ARG C 151 17.71 -9.73 -17.30
C ARG C 151 17.05 -10.99 -18.00
C ARG C 151 17.11 -10.96 -18.00
N GLU C 152 17.72 -12.13 -17.80
CA GLU C 152 17.24 -13.41 -18.37
C GLU C 152 15.83 -13.88 -18.00
N GLN C 153 15.28 -13.47 -16.86
CA GLN C 153 13.98 -13.88 -16.39
C GLN C 153 12.89 -12.91 -16.89
N LEU C 154 13.30 -11.79 -17.47
CA LEU C 154 12.32 -10.82 -17.95
C LEU C 154 11.84 -11.23 -19.37
N PRO C 155 10.53 -11.28 -19.56
CA PRO C 155 10.01 -11.71 -20.85
C PRO C 155 9.87 -10.58 -21.87
N LEU C 156 10.02 -10.96 -23.14
CA LEU C 156 9.60 -10.13 -24.28
C LEU C 156 8.28 -10.62 -24.94
N THR C 157 7.82 -11.77 -24.43
CA THR C 157 6.59 -12.36 -24.73
C THR C 157 6.42 -13.54 -23.76
N GLU C 158 5.13 -13.87 -23.56
CA GLU C 158 4.69 -15.00 -22.71
C GLU C 158 3.50 -15.78 -23.30
N CYS C 159 3.58 -17.10 -23.27
CA CYS C 159 2.39 -17.99 -23.33
C CYS C 159 1.93 -18.23 -21.89
N LEU C 160 0.74 -18.79 -21.72
CA LEU C 160 0.20 -19.10 -20.41
C LEU C 160 1.12 -20.04 -19.64
N LYS C 161 1.71 -21.02 -20.31
CA LYS C 161 2.66 -21.90 -19.63
C LYS C 161 3.80 -21.13 -18.95
N ASP C 162 4.33 -20.12 -19.66
CA ASP C 162 5.37 -19.28 -19.07
C ASP C 162 4.83 -18.51 -17.86
N THR C 163 3.60 -18.05 -17.94
CA THR C 163 2.97 -17.28 -16.87
C THR C 163 2.83 -18.15 -15.61
N VAL C 164 2.37 -19.40 -15.79
CA VAL C 164 2.29 -20.37 -14.70
C VAL C 164 3.64 -20.55 -14.10
N ALA C 165 4.67 -20.71 -14.91
CA ALA C 165 5.98 -20.84 -14.35
C ALA C 165 6.55 -19.61 -13.58
N ARG C 166 6.14 -18.44 -13.95
CA ARG C 166 6.48 -17.14 -13.30
C ARG C 166 5.73 -16.95 -11.95
N VAL C 167 4.46 -17.38 -11.93
CA VAL C 167 3.58 -17.19 -10.75
C VAL C 167 3.99 -18.10 -9.62
N LEU C 168 4.29 -19.34 -9.95
CA LEU C 168 4.39 -20.39 -8.92
C LEU C 168 5.43 -20.17 -7.88
N PRO C 169 6.61 -19.59 -8.19
CA PRO C 169 7.55 -19.34 -7.10
C PRO C 169 7.00 -18.42 -6.03
N LEU C 170 6.16 -17.45 -6.40
CA LEU C 170 5.52 -16.61 -5.37
C LEU C 170 4.55 -17.40 -4.50
N TRP C 171 3.80 -18.27 -5.10
CA TRP C 171 2.84 -19.14 -4.37
C TRP C 171 3.66 -20.02 -3.38
N ASN C 172 4.65 -20.72 -3.90
CA ASN C 172 5.50 -21.60 -3.06
C ASN C 172 6.28 -20.90 -1.99
N GLU C 173 6.84 -19.74 -2.28
CA GLU C 173 7.76 -19.12 -1.31
C GLU C 173 7.08 -18.20 -0.30
N SER C 174 5.92 -17.66 -0.67
CA SER C 174 5.30 -16.63 0.12
C SER C 174 3.81 -16.87 0.40
N ILE C 175 2.98 -17.10 -0.62
CA ILE C 175 1.55 -17.11 -0.40
C ILE C 175 1.09 -18.35 0.33
N ALA C 176 1.58 -19.53 -0.06
CA ALA C 176 1.18 -20.78 0.57
C ALA C 176 1.64 -20.75 2.03
N PRO C 177 2.86 -20.30 2.31
CA PRO C 177 3.24 -20.23 3.76
C PRO C 177 2.38 -19.28 4.56
N ALA C 178 1.98 -18.18 3.94
CA ALA C 178 1.05 -17.28 4.60
C ALA C 178 -0.28 -17.89 4.94
N VAL C 179 -0.89 -18.58 3.97
CA VAL C 179 -2.15 -19.31 4.21
C VAL C 179 -1.97 -20.31 5.37
N LYS C 180 -0.91 -21.11 5.27
CA LYS C 180 -0.65 -22.13 6.32
C LYS C 180 -0.38 -21.52 7.69
N ALA C 181 0.14 -20.31 7.75
CA ALA C 181 0.36 -19.56 9.00
C ALA C 181 -0.96 -19.04 9.59
N GLY C 182 -2.07 -19.18 8.88
CA GLY C 182 -3.39 -18.75 9.33
C GLY C 182 -3.67 -17.28 9.01
N LYS C 183 -2.90 -16.72 8.06
CA LYS C 183 -3.22 -15.40 7.54
C LYS C 183 -4.37 -15.50 6.59
N GLN C 184 -5.24 -14.48 6.55
N GLN C 184 -5.31 -14.53 6.63
CA GLN C 184 -6.38 -14.38 5.69
CA GLN C 184 -6.42 -14.38 5.72
C GLN C 184 -5.99 -13.49 4.46
C GLN C 184 -5.77 -13.56 4.54
N VAL C 185 -5.71 -14.19 3.35
CA VAL C 185 -5.05 -13.62 2.18
C VAL C 185 -6.01 -13.17 1.11
N LEU C 186 -5.71 -12.00 0.52
CA LEU C 186 -6.38 -11.46 -0.64
C LEU C 186 -5.36 -11.40 -1.80
N ILE C 187 -5.67 -11.87 -3.01
CA ILE C 187 -4.74 -11.69 -4.20
C ILE C 187 -5.49 -10.81 -5.19
N ALA C 188 -4.97 -9.62 -5.48
CA ALA C 188 -5.58 -8.74 -6.48
C ALA C 188 -4.66 -8.71 -7.70
N ALA C 189 -5.10 -9.28 -8.83
CA ALA C 189 -4.21 -9.47 -9.96
C ALA C 189 -4.99 -9.29 -11.28
N HIS C 190 -4.61 -10.14 -12.21
CA HIS C 190 -5.01 -10.05 -13.62
C HIS C 190 -5.61 -11.28 -14.20
N GLY C 191 -6.28 -11.09 -15.32
CA GLY C 191 -7.07 -12.22 -15.92
C GLY C 191 -6.20 -13.44 -16.14
N ASN C 192 -5.07 -13.30 -16.87
CA ASN C 192 -4.24 -14.45 -17.15
C ASN C 192 -3.38 -14.94 -16.03
N SER C 193 -2.85 -14.02 -15.16
CA SER C 193 -2.08 -14.50 -14.06
C SER C 193 -3.00 -15.26 -13.03
N LEU C 194 -4.26 -14.86 -12.91
CA LEU C 194 -5.21 -15.66 -12.10
C LEU C 194 -5.61 -16.94 -12.85
N ARG C 195 -5.76 -16.91 -14.16
CA ARG C 195 -5.97 -18.19 -14.91
C ARG C 195 -4.87 -19.16 -14.67
N ALA C 196 -3.64 -18.68 -14.58
CA ALA C 196 -2.46 -19.51 -14.37
C ALA C 196 -2.48 -20.05 -12.99
N LEU C 197 -2.78 -19.21 -11.98
CA LEU C 197 -2.84 -19.71 -10.60
C LEU C 197 -3.97 -20.76 -10.34
N ILE C 198 -5.12 -20.46 -10.90
CA ILE C 198 -6.25 -21.36 -10.90
C ILE C 198 -5.92 -22.68 -11.63
N LYS C 199 -5.20 -22.63 -12.71
CA LYS C 199 -4.86 -23.88 -13.40
C LYS C 199 -4.08 -24.80 -12.48
N TYR C 200 -3.18 -24.21 -11.70
CA TYR C 200 -2.41 -24.96 -10.75
C TYR C 200 -3.23 -25.45 -9.59
N LEU C 201 -4.00 -24.57 -8.94
CA LEU C 201 -4.79 -24.95 -7.72
C LEU C 201 -5.76 -26.10 -7.98
N ASP C 202 -6.51 -25.97 -9.07
CA ASP C 202 -7.56 -26.92 -9.41
C ASP C 202 -7.10 -28.05 -10.36
N GLY C 203 -5.85 -28.07 -10.73
CA GLY C 203 -5.33 -29.18 -11.57
C GLY C 203 -6.01 -29.23 -12.95
N ILE C 204 -6.22 -28.09 -13.57
CA ILE C 204 -6.98 -28.02 -14.79
C ILE C 204 -6.05 -28.34 -15.96
N SER C 205 -6.55 -29.09 -16.92
CA SER C 205 -5.71 -29.51 -18.04
C SER C 205 -5.42 -28.35 -18.99
N ASP C 206 -4.41 -28.57 -19.83
CA ASP C 206 -4.02 -27.60 -20.89
C ASP C 206 -5.19 -27.27 -21.82
N ALA C 207 -5.98 -28.29 -22.15
CA ALA C 207 -7.15 -28.13 -22.99
C ALA C 207 -8.23 -27.37 -22.34
N ASP C 208 -8.53 -27.67 -21.08
CA ASP C 208 -9.67 -27.13 -20.40
C ASP C 208 -9.43 -25.67 -19.94
N ILE C 209 -8.17 -25.29 -19.75
CA ILE C 209 -7.93 -23.93 -19.22
C ILE C 209 -8.31 -22.87 -20.31
N VAL C 210 -8.43 -23.30 -21.60
CA VAL C 210 -8.72 -22.39 -22.74
C VAL C 210 -10.00 -21.65 -22.58
N GLY C 211 -11.00 -22.28 -21.98
CA GLY C 211 -12.27 -21.64 -21.83
C GLY C 211 -12.53 -20.93 -20.52
N LEU C 212 -11.52 -20.83 -19.61
CA LEU C 212 -11.74 -20.13 -18.32
C LEU C 212 -11.55 -18.64 -18.56
N ASN C 213 -12.56 -17.86 -18.21
CA ASN C 213 -12.46 -16.39 -18.30
C ASN C 213 -12.84 -15.85 -16.92
N ILE C 214 -12.07 -14.91 -16.37
N ILE C 214 -12.13 -14.81 -16.51
CA ILE C 214 -12.45 -14.31 -15.09
CA ILE C 214 -12.32 -14.20 -15.19
C ILE C 214 -12.90 -12.88 -15.32
C ILE C 214 -12.91 -12.80 -15.41
N PRO C 215 -14.06 -12.50 -14.79
CA PRO C 215 -14.60 -11.17 -14.94
C PRO C 215 -13.84 -10.14 -14.11
N ASN C 216 -13.84 -8.90 -14.54
CA ASN C 216 -13.26 -7.80 -13.77
C ASN C 216 -13.99 -7.60 -12.45
N GLY C 217 -13.23 -7.41 -11.36
CA GLY C 217 -13.79 -6.94 -10.10
C GLY C 217 -14.77 -7.76 -9.32
N VAL C 218 -14.74 -9.09 -9.48
CA VAL C 218 -15.64 -9.95 -8.81
C VAL C 218 -14.80 -10.89 -7.87
N PRO C 219 -15.04 -10.85 -6.53
CA PRO C 219 -14.25 -11.68 -5.64
C PRO C 219 -14.55 -13.15 -5.90
N LEU C 220 -13.52 -13.97 -5.94
CA LEU C 220 -13.57 -15.40 -6.16
C LEU C 220 -12.95 -16.03 -4.96
N VAL C 221 -13.81 -16.79 -4.25
CA VAL C 221 -13.42 -17.41 -2.97
C VAL C 221 -13.08 -18.86 -3.18
N TYR C 222 -11.87 -19.29 -2.76
CA TYR C 222 -11.39 -20.69 -2.68
C TYR C 222 -11.38 -21.19 -1.24
N GLU C 223 -12.07 -22.28 -0.94
CA GLU C 223 -11.97 -22.98 0.31
C GLU C 223 -10.94 -24.10 0.10
N LEU C 224 -9.91 -24.16 0.91
CA LEU C 224 -8.76 -25.08 0.76
C LEU C 224 -8.66 -25.95 1.97
N ASP C 225 -8.27 -27.21 1.73
CA ASP C 225 -8.07 -28.09 2.86
C ASP C 225 -6.66 -27.95 3.47
N GLU C 226 -6.31 -28.83 4.42
CA GLU C 226 -5.04 -28.82 5.10
C GLU C 226 -3.76 -28.94 4.19
N SER C 227 -3.93 -29.59 3.05
N SER C 227 -3.90 -29.59 3.04
CA SER C 227 -2.87 -29.75 2.06
CA SER C 227 -2.81 -29.71 2.08
C SER C 227 -2.94 -28.69 0.98
C SER C 227 -2.89 -28.65 0.99
N LEU C 228 -3.79 -27.68 1.21
CA LEU C 228 -4.02 -26.59 0.25
C LEU C 228 -4.71 -26.98 -1.05
N THR C 229 -5.37 -28.15 -1.03
CA THR C 229 -6.16 -28.60 -2.13
C THR C 229 -7.54 -28.00 -2.07
N PRO C 230 -8.05 -27.44 -3.16
CA PRO C 230 -9.39 -26.86 -3.19
C PRO C 230 -10.48 -27.86 -2.84
N ILE C 231 -11.41 -27.41 -2.04
CA ILE C 231 -12.61 -28.16 -1.59
C ILE C 231 -13.72 -27.63 -2.47
N ARG C 232 -13.79 -26.30 -2.66
CA ARG C 232 -14.81 -25.69 -3.48
C ARG C 232 -14.46 -24.25 -3.70
N HIS C 233 -15.08 -23.64 -4.69
CA HIS C 233 -14.89 -22.21 -4.99
C HIS C 233 -16.13 -21.63 -5.50
N TYR C 234 -16.23 -20.31 -5.42
CA TYR C 234 -17.44 -19.58 -5.74
C TYR C 234 -17.18 -18.07 -5.84
N TYR C 235 -17.87 -17.39 -6.75
CA TYR C 235 -17.88 -15.97 -6.83
C TYR C 235 -18.80 -15.41 -5.77
N LEU C 236 -18.44 -14.23 -5.30
CA LEU C 236 -19.31 -13.52 -4.40
C LEU C 236 -20.15 -12.57 -5.18
N GLY C 237 -21.40 -12.41 -4.73
CA GLY C 237 -22.29 -11.47 -5.36
C GLY C 237 -23.51 -12.12 -6.03
N ASP C 238 -23.86 -11.56 -7.19
CA ASP C 238 -25.12 -11.84 -7.94
C ASP C 238 -24.88 -12.71 -9.18
N MET D 9 -36.17 -15.90 -27.33
CA MET D 9 -36.74 -15.46 -28.57
C MET D 9 -36.15 -14.01 -28.57
N TYR D 10 -35.74 -13.59 -29.75
CA TYR D 10 -35.28 -12.20 -29.94
C TYR D 10 -36.15 -11.55 -31.01
N LYS D 11 -36.29 -10.23 -31.02
CA LYS D 11 -36.92 -9.53 -32.17
C LYS D 11 -35.91 -8.56 -32.80
N LEU D 12 -35.89 -8.52 -34.11
CA LEU D 12 -35.01 -7.65 -34.91
C LEU D 12 -35.91 -6.87 -35.86
N VAL D 13 -35.75 -5.55 -35.96
CA VAL D 13 -36.61 -4.75 -36.82
C VAL D 13 -35.75 -4.16 -38.00
N LEU D 14 -36.25 -4.30 -39.19
CA LEU D 14 -35.58 -3.77 -40.40
C LEU D 14 -36.48 -2.73 -40.98
N ILE D 15 -35.86 -1.76 -41.64
CA ILE D 15 -36.63 -0.75 -42.36
C ILE D 15 -35.82 -0.21 -43.57
N ARG D 16 -36.49 -0.17 -44.74
CA ARG D 16 -36.01 0.51 -45.93
C ARG D 16 -36.21 2.01 -45.86
N HIS D 17 -35.24 2.79 -46.32
CA HIS D 17 -35.33 4.25 -46.27
C HIS D 17 -36.65 4.70 -46.96
N GLY D 18 -37.15 5.83 -46.54
CA GLY D 18 -38.23 6.50 -47.24
C GLY D 18 -37.93 6.86 -48.67
N GLU D 19 -39.01 7.20 -49.41
CA GLU D 19 -38.85 7.62 -50.81
C GLU D 19 -37.72 8.64 -50.96
N SER D 20 -36.80 8.36 -51.87
CA SER D 20 -35.72 9.29 -52.20
C SER D 20 -36.02 10.07 -53.49
N THR D 21 -35.21 11.08 -53.73
CA THR D 21 -35.44 11.95 -54.98
C THR D 21 -35.33 11.04 -56.20
N TRP D 22 -34.36 10.14 -56.19
CA TRP D 22 -34.20 9.20 -57.33
C TRP D 22 -35.19 8.08 -57.40
N ASN D 23 -35.83 7.65 -56.32
CA ASN D 23 -36.92 6.70 -56.39
C ASN D 23 -38.04 7.45 -57.18
N LYS D 24 -38.26 8.70 -56.82
CA LYS D 24 -39.34 9.50 -57.44
C LYS D 24 -39.05 9.66 -58.95
N GLU D 25 -37.79 9.96 -59.29
CA GLU D 25 -37.36 10.09 -60.70
C GLU D 25 -37.09 8.77 -61.44
N ASN D 26 -37.30 7.63 -60.80
CA ASN D 26 -37.10 6.31 -61.41
C ASN D 26 -35.70 6.12 -61.96
N ARG D 27 -34.69 6.61 -61.21
N ARG D 27 -34.71 6.46 -61.15
CA ARG D 27 -33.25 6.50 -61.57
CA ARG D 27 -33.35 6.27 -61.53
C ARG D 27 -32.55 5.46 -60.65
C ARG D 27 -32.67 5.26 -60.63
N PHE D 28 -31.70 4.60 -61.22
CA PHE D 28 -30.84 3.69 -60.49
C PHE D 28 -29.94 4.57 -59.60
N THR D 29 -29.88 4.23 -58.30
CA THR D 29 -29.11 5.03 -57.36
C THR D 29 -27.78 4.41 -56.89
N GLY D 30 -27.80 3.28 -56.30
CA GLY D 30 -26.63 2.63 -55.76
C GLY D 30 -26.03 3.49 -54.63
N TRP D 31 -24.76 3.77 -54.76
CA TRP D 31 -23.98 4.49 -53.77
C TRP D 31 -24.08 6.00 -53.94
N VAL D 32 -24.84 6.54 -54.90
CA VAL D 32 -24.96 7.96 -55.02
C VAL D 32 -25.77 8.47 -53.82
N ASP D 33 -25.27 9.53 -53.18
CA ASP D 33 -25.84 9.96 -51.85
C ASP D 33 -27.01 10.95 -51.96
N VAL D 34 -28.13 10.48 -52.55
CA VAL D 34 -29.32 11.30 -52.75
C VAL D 34 -30.16 11.37 -51.44
N ASP D 35 -31.04 12.32 -51.32
CA ASP D 35 -31.79 12.54 -50.05
C ASP D 35 -33.23 12.16 -50.23
N LEU D 36 -33.93 12.20 -49.10
CA LEU D 36 -35.31 11.91 -49.05
C LEU D 36 -36.12 13.03 -49.74
N THR D 37 -37.24 12.69 -50.34
CA THR D 37 -38.29 13.65 -50.64
C THR D 37 -39.16 13.96 -49.44
N GLU D 38 -40.12 14.89 -49.54
CA GLU D 38 -40.96 15.20 -48.46
C GLU D 38 -41.80 14.01 -48.21
N GLN D 39 -42.28 13.31 -49.20
CA GLN D 39 -42.99 12.08 -49.02
C GLN D 39 -42.14 11.08 -48.19
N GLY D 40 -40.90 10.91 -48.59
CA GLY D 40 -40.02 10.01 -47.84
C GLY D 40 -39.84 10.40 -46.37
N ASN D 41 -39.72 11.67 -46.11
CA ASN D 41 -39.63 12.16 -44.70
C ASN D 41 -40.91 11.77 -43.95
N ARG D 42 -42.05 11.98 -44.58
CA ARG D 42 -43.32 11.61 -43.96
C ARG D 42 -43.43 10.09 -43.72
N GLU D 43 -42.98 9.27 -44.67
CA GLU D 43 -43.03 7.83 -44.53
C GLU D 43 -42.18 7.43 -43.29
N ALA D 44 -41.03 8.03 -43.18
CA ALA D 44 -40.13 7.74 -42.04
C ALA D 44 -40.78 8.10 -40.72
N ARG D 45 -41.36 9.29 -40.62
CA ARG D 45 -42.00 9.74 -39.41
C ARG D 45 -43.17 8.76 -39.08
N GLN D 46 -43.94 8.38 -40.10
CA GLN D 46 -45.08 7.43 -39.95
C GLN D 46 -44.57 6.11 -39.36
N ALA D 47 -43.46 5.57 -39.85
CA ALA D 47 -42.83 4.36 -39.37
C ALA D 47 -42.48 4.49 -37.89
N GLY D 48 -41.89 5.61 -37.52
CA GLY D 48 -41.59 5.83 -36.10
C GLY D 48 -42.85 5.80 -35.24
N GLN D 49 -43.89 6.44 -35.71
CA GLN D 49 -45.17 6.46 -34.95
C GLN D 49 -45.71 5.09 -34.83
N LEU D 50 -45.66 4.29 -35.87
CA LEU D 50 -46.22 2.91 -35.82
C LEU D 50 -45.46 2.11 -34.75
N LEU D 51 -44.15 2.26 -34.73
CA LEU D 51 -43.30 1.49 -33.81
C LEU D 51 -43.60 1.98 -32.39
N LYS D 52 -43.75 3.28 -32.18
CA LYS D 52 -43.98 3.84 -30.84
C LYS D 52 -45.36 3.36 -30.32
N GLU D 53 -46.33 3.43 -31.18
CA GLU D 53 -47.71 2.96 -30.78
C GLU D 53 -47.75 1.47 -30.44
N ALA D 54 -46.92 0.65 -31.08
CA ALA D 54 -46.88 -0.80 -30.88
C ALA D 54 -46.01 -1.14 -29.63
N GLY D 55 -45.41 -0.14 -29.02
CA GLY D 55 -44.58 -0.33 -27.85
C GLY D 55 -43.14 -0.78 -28.03
N TYR D 56 -42.67 -0.76 -29.30
CA TYR D 56 -41.31 -1.15 -29.60
C TYR D 56 -40.35 -0.09 -29.03
N THR D 57 -39.21 -0.54 -28.57
CA THR D 57 -38.10 0.32 -28.30
C THR D 57 -36.82 -0.32 -28.84
N PHE D 58 -35.74 0.47 -28.87
CA PHE D 58 -34.44 0.03 -29.32
C PHE D 58 -33.30 0.50 -28.41
N ASP D 59 -32.31 -0.33 -28.31
CA ASP D 59 -31.10 0.03 -27.60
C ASP D 59 -29.97 0.52 -28.49
N ILE D 60 -29.97 0.09 -29.77
CA ILE D 60 -28.89 0.41 -30.72
C ILE D 60 -29.54 0.39 -32.09
N ALA D 61 -28.96 1.14 -33.02
CA ALA D 61 -29.38 1.01 -34.46
C ALA D 61 -28.17 0.94 -35.34
N TYR D 62 -28.38 0.30 -36.47
CA TYR D 62 -27.34 0.17 -37.50
C TYR D 62 -27.95 0.81 -38.77
N THR D 63 -27.12 1.54 -39.50
CA THR D 63 -27.57 2.09 -40.77
C THR D 63 -26.32 2.13 -41.71
N SER D 64 -26.52 2.65 -42.88
CA SER D 64 -25.45 2.78 -43.84
C SER D 64 -24.78 4.05 -43.69
N VAL D 65 -23.91 4.48 -44.67
CA VAL D 65 -23.34 5.83 -44.66
C VAL D 65 -24.07 6.81 -45.62
N LEU D 66 -25.21 6.39 -46.11
CA LEU D 66 -25.93 7.11 -47.17
C LEU D 66 -27.06 7.85 -46.50
N LYS D 67 -27.22 9.16 -46.78
CA LYS D 67 -28.06 10.01 -46.02
C LYS D 67 -29.54 9.69 -46.07
N ARG D 68 -30.02 9.05 -47.14
CA ARG D 68 -31.44 8.69 -47.26
C ARG D 68 -31.79 7.65 -46.18
N ALA D 69 -30.87 6.72 -45.88
CA ALA D 69 -31.09 5.76 -44.81
C ALA D 69 -30.91 6.45 -43.40
N ILE D 70 -29.87 7.22 -43.27
CA ILE D 70 -29.60 7.91 -42.00
C ILE D 70 -30.73 8.85 -41.65
N ARG D 71 -31.31 9.64 -42.58
CA ARG D 71 -32.34 10.59 -42.24
C ARG D 71 -33.61 9.81 -41.93
N THR D 72 -33.83 8.64 -42.54
CA THR D 72 -35.00 7.79 -42.20
C THR D 72 -34.90 7.38 -40.75
N LEU D 73 -33.73 6.95 -40.38
CA LEU D 73 -33.45 6.65 -38.92
C LEU D 73 -33.62 7.88 -38.01
N TRP D 74 -33.11 9.02 -38.37
CA TRP D 74 -33.33 10.16 -37.58
C TRP D 74 -34.80 10.41 -37.32
N HIS D 75 -35.67 10.36 -38.35
CA HIS D 75 -37.10 10.55 -38.15
C HIS D 75 -37.71 9.48 -37.21
N VAL D 76 -37.31 8.23 -37.32
CA VAL D 76 -37.76 7.16 -36.50
C VAL D 76 -37.32 7.49 -35.06
N GLN D 77 -36.06 7.83 -34.85
CA GLN D 77 -35.56 8.20 -33.52
C GLN D 77 -36.30 9.37 -32.89
N ASP D 78 -36.69 10.32 -33.69
CA ASP D 78 -37.35 11.55 -33.21
C ASP D 78 -38.74 11.18 -32.75
N GLN D 79 -39.45 10.42 -33.59
CA GLN D 79 -40.84 10.10 -33.26
C GLN D 79 -40.86 9.20 -32.06
N MET D 80 -39.84 8.36 -31.86
CA MET D 80 -39.82 7.42 -30.73
C MET D 80 -39.20 7.95 -29.46
N ASP D 81 -38.66 9.18 -29.48
CA ASP D 81 -37.88 9.71 -28.39
C ASP D 81 -36.73 8.82 -28.08
N LEU D 82 -35.95 8.44 -29.11
CA LEU D 82 -34.76 7.60 -28.96
C LEU D 82 -33.54 8.26 -29.63
N MET D 83 -33.45 9.57 -29.54
CA MET D 83 -32.37 10.28 -30.22
C MET D 83 -31.00 10.04 -29.68
N TYR D 84 -30.98 9.52 -28.47
CA TYR D 84 -29.77 9.25 -27.72
C TYR D 84 -29.14 7.89 -27.86
N VAL D 85 -29.76 6.97 -28.58
CA VAL D 85 -29.24 5.66 -28.64
C VAL D 85 -27.99 5.58 -29.55
N PRO D 86 -27.12 4.58 -29.24
CA PRO D 86 -25.91 4.37 -30.14
C PRO D 86 -26.37 3.95 -31.51
N VAL D 87 -25.66 4.48 -32.51
CA VAL D 87 -25.94 4.19 -33.91
C VAL D 87 -24.60 3.84 -34.54
N VAL D 88 -24.55 2.71 -35.25
CA VAL D 88 -23.42 2.33 -36.03
C VAL D 88 -23.74 2.61 -37.49
N HIS D 89 -22.92 3.43 -38.14
CA HIS D 89 -23.11 3.81 -39.57
C HIS D 89 -22.03 3.04 -40.21
N SER D 90 -22.38 2.09 -41.10
CA SER D 90 -21.43 1.20 -41.82
C SER D 90 -21.65 1.18 -43.33
N TRP D 91 -20.56 1.36 -44.06
CA TRP D 91 -20.59 1.22 -45.48
C TRP D 91 -21.07 -0.18 -45.95
N ARG D 92 -20.95 -1.18 -45.04
CA ARG D 92 -21.41 -2.54 -45.34
C ARG D 92 -22.91 -2.63 -45.53
N LEU D 93 -23.64 -1.65 -45.03
CA LEU D 93 -25.09 -1.66 -45.24
C LEU D 93 -25.53 -0.85 -46.43
N ASN D 94 -24.60 -0.17 -47.11
CA ASN D 94 -24.93 0.56 -48.34
C ASN D 94 -25.77 -0.32 -49.29
N GLU D 95 -26.57 0.35 -50.08
CA GLU D 95 -27.28 -0.22 -51.21
C GLU D 95 -26.33 -0.87 -52.15
N ARG D 96 -26.81 -1.89 -52.85
CA ARG D 96 -26.00 -2.49 -53.90
C ARG D 96 -25.46 -1.37 -54.86
N HIS D 97 -24.20 -1.50 -55.21
CA HIS D 97 -23.58 -0.54 -56.11
C HIS D 97 -24.06 -0.82 -57.57
N TYR D 98 -24.58 0.19 -58.22
CA TYR D 98 -25.17 0.08 -59.55
C TYR D 98 -24.20 0.37 -60.67
N GLY D 99 -22.94 0.54 -60.41
CA GLY D 99 -21.99 0.74 -61.55
C GLY D 99 -22.37 1.94 -62.40
N ALA D 100 -22.01 1.81 -63.68
CA ALA D 100 -22.29 2.81 -64.62
C ALA D 100 -23.77 3.07 -64.89
N LEU D 101 -24.66 2.26 -64.34
CA LEU D 101 -26.04 2.58 -64.42
C LEU D 101 -26.49 3.67 -63.44
N SER D 102 -25.67 4.03 -62.50
CA SER D 102 -26.10 4.91 -61.44
C SER D 102 -26.39 6.25 -62.01
N GLY D 103 -27.61 6.73 -61.77
CA GLY D 103 -27.99 7.98 -62.29
C GLY D 103 -28.88 7.89 -63.52
N LEU D 104 -28.90 6.74 -64.15
CA LEU D 104 -29.71 6.59 -65.39
C LEU D 104 -31.20 6.33 -65.00
N ASN D 105 -32.13 6.75 -65.88
CA ASN D 105 -33.54 6.44 -65.72
C ASN D 105 -33.82 5.00 -66.14
N LYS D 106 -34.54 4.25 -65.34
CA LYS D 106 -34.70 2.81 -65.57
C LYS D 106 -35.51 2.50 -66.83
N ALA D 107 -36.50 3.34 -67.09
CA ALA D 107 -37.38 3.14 -68.29
C ALA D 107 -36.61 3.49 -69.55
N GLU D 108 -35.88 4.60 -69.55
CA GLU D 108 -34.96 4.95 -70.69
C GLU D 108 -33.87 3.91 -70.94
N THR D 109 -33.33 3.31 -69.88
CA THR D 109 -32.38 2.24 -70.00
C THR D 109 -32.99 0.97 -70.65
N ALA D 110 -34.19 0.57 -70.22
CA ALA D 110 -34.88 -0.61 -70.78
C ALA D 110 -35.18 -0.34 -72.31
N ALA D 111 -35.66 0.86 -72.62
CA ALA D 111 -35.89 1.28 -74.04
C ALA D 111 -34.64 1.10 -74.93
N LYS D 112 -33.50 1.58 -74.42
CA LYS D 112 -32.21 1.51 -75.13
C LYS D 112 -31.59 0.11 -75.19
N TYR D 113 -31.57 -0.61 -74.06
CA TYR D 113 -30.87 -1.90 -73.98
C TYR D 113 -31.78 -3.13 -74.01
N GLY D 114 -33.07 -2.93 -73.81
CA GLY D 114 -34.04 -4.00 -73.80
C GLY D 114 -34.42 -4.46 -72.39
N ASP D 115 -35.66 -4.91 -72.24
CA ASP D 115 -36.21 -5.27 -70.94
C ASP D 115 -35.45 -6.42 -70.30
N GLU D 116 -35.13 -7.45 -71.08
CA GLU D 116 -34.48 -8.62 -70.54
C GLU D 116 -33.17 -8.20 -69.89
N GLN D 117 -32.38 -7.46 -70.68
CA GLN D 117 -31.05 -7.03 -70.24
C GLN D 117 -31.15 -6.25 -68.95
N VAL D 118 -32.04 -5.28 -68.87
CA VAL D 118 -32.20 -4.56 -67.64
C VAL D 118 -32.61 -5.44 -66.45
N LEU D 119 -33.45 -6.46 -66.67
CA LEU D 119 -33.88 -7.31 -65.58
C LEU D 119 -32.74 -8.15 -65.05
N VAL D 120 -31.83 -8.56 -65.92
CA VAL D 120 -30.60 -9.27 -65.53
C VAL D 120 -29.70 -8.36 -64.70
N TRP D 121 -29.59 -7.11 -65.13
CA TRP D 121 -28.80 -6.16 -64.33
C TRP D 121 -29.46 -5.84 -62.97
N ARG D 122 -30.78 -5.84 -62.89
CA ARG D 122 -31.48 -5.53 -61.70
C ARG D 122 -31.60 -6.74 -60.69
N ARG D 123 -31.79 -7.95 -61.24
CA ARG D 123 -32.20 -9.08 -60.43
C ARG D 123 -31.46 -10.42 -60.64
N SER D 124 -30.54 -10.51 -61.60
CA SER D 124 -29.60 -11.66 -61.72
C SER D 124 -28.76 -11.71 -60.43
N TYR D 125 -28.85 -12.79 -59.70
CA TYR D 125 -28.09 -12.88 -58.46
C TYR D 125 -26.62 -12.64 -58.61
N ASP D 126 -26.03 -13.09 -59.74
CA ASP D 126 -24.58 -13.20 -59.86
C ASP D 126 -23.99 -12.56 -61.13
N THR D 127 -24.80 -11.78 -61.83
CA THR D 127 -24.21 -10.95 -62.90
C THR D 127 -24.43 -9.45 -62.59
N PRO D 128 -23.33 -8.70 -62.56
CA PRO D 128 -23.45 -7.30 -62.14
C PRO D 128 -23.76 -6.35 -63.29
N PRO D 129 -24.18 -5.14 -62.98
CA PRO D 129 -24.28 -4.08 -63.99
C PRO D 129 -22.92 -3.73 -64.57
N PRO D 130 -22.89 -3.05 -65.72
CA PRO D 130 -21.61 -2.49 -66.23
C PRO D 130 -20.91 -1.60 -65.21
N ALA D 131 -19.62 -1.83 -65.06
CA ALA D 131 -18.81 -1.12 -64.06
C ALA D 131 -18.51 0.36 -64.37
N LEU D 132 -18.38 1.15 -63.34
CA LEU D 132 -17.76 2.46 -63.44
C LEU D 132 -16.32 2.31 -63.94
N GLU D 133 -15.90 3.22 -64.80
CA GLU D 133 -14.46 3.40 -64.97
C GLU D 133 -13.80 3.84 -63.67
N PRO D 134 -12.53 3.48 -63.42
CA PRO D 134 -11.87 3.81 -62.18
C PRO D 134 -11.77 5.31 -61.90
N GLY D 135 -11.70 6.11 -62.96
CA GLY D 135 -11.61 7.61 -62.84
C GLY D 135 -12.94 8.37 -62.90
N ASP D 136 -14.06 7.65 -62.87
CA ASP D 136 -15.37 8.28 -62.90
C ASP D 136 -15.54 9.12 -61.63
N GLU D 137 -16.25 10.25 -61.73
CA GLU D 137 -16.60 11.12 -60.55
C GLU D 137 -17.45 10.29 -59.52
N ARG D 138 -18.15 9.28 -60.00
CA ARG D 138 -19.06 8.49 -59.15
C ARG D 138 -18.26 7.43 -58.35
N ALA D 139 -16.97 7.20 -58.65
CA ALA D 139 -16.18 6.15 -58.04
C ALA D 139 -15.94 6.54 -56.56
N PRO D 140 -15.69 5.58 -55.68
CA PRO D 140 -15.69 5.85 -54.22
C PRO D 140 -14.36 6.21 -53.61
N TYR D 141 -13.30 6.28 -54.44
CA TYR D 141 -11.96 6.26 -53.83
C TYR D 141 -11.56 7.55 -53.08
N ALA D 142 -12.10 8.71 -53.43
CA ALA D 142 -11.75 10.01 -52.82
C ALA D 142 -12.72 10.40 -51.71
N ASP D 143 -13.77 9.57 -51.50
CA ASP D 143 -14.84 9.89 -50.58
C ASP D 143 -14.47 9.60 -49.13
N PRO D 144 -14.56 10.63 -48.26
CA PRO D 144 -14.17 10.39 -46.88
C PRO D 144 -14.94 9.32 -46.15
N ARG D 145 -16.15 9.00 -46.64
CA ARG D 145 -16.84 7.86 -46.04
C ARG D 145 -16.10 6.54 -46.10
N TYR D 146 -15.25 6.39 -47.13
CA TYR D 146 -14.61 5.10 -47.37
C TYR D 146 -13.09 5.22 -47.24
N ALA D 147 -12.63 6.29 -46.59
CA ALA D 147 -11.18 6.55 -46.46
C ALA D 147 -10.44 5.46 -45.79
N LYS D 148 -11.09 4.71 -44.92
CA LYS D 148 -10.40 3.73 -44.13
C LYS D 148 -10.65 2.31 -44.66
N VAL D 149 -11.26 2.21 -45.86
CA VAL D 149 -11.55 0.92 -46.47
C VAL D 149 -10.45 0.65 -47.53
N PRO D 150 -9.82 -0.55 -47.48
CA PRO D 150 -8.79 -0.91 -48.47
C PRO D 150 -9.38 -0.77 -49.85
N ARG D 151 -8.65 -0.08 -50.74
CA ARG D 151 -9.11 0.22 -52.08
C ARG D 151 -9.65 -1.03 -52.84
N GLU D 152 -9.02 -2.20 -52.67
CA GLU D 152 -9.51 -3.48 -53.23
C GLU D 152 -10.88 -3.95 -52.76
N GLN D 153 -11.38 -3.47 -51.64
CA GLN D 153 -12.65 -3.88 -51.16
C GLN D 153 -13.77 -2.99 -51.70
N LEU D 154 -13.44 -1.87 -52.30
CA LEU D 154 -14.43 -0.88 -52.72
C LEU D 154 -14.87 -1.28 -54.13
N PRO D 155 -16.20 -1.38 -54.34
CA PRO D 155 -16.70 -1.77 -55.68
C PRO D 155 -16.86 -0.68 -56.71
N LEU D 156 -16.75 -1.04 -58.02
CA LEU D 156 -17.13 -0.19 -59.11
C LEU D 156 -18.41 -0.61 -59.77
N THR D 157 -18.99 -1.72 -59.24
CA THR D 157 -20.29 -2.35 -59.57
C THR D 157 -20.48 -3.55 -58.61
N GLU D 158 -21.74 -3.95 -58.35
CA GLU D 158 -21.99 -5.25 -57.59
C GLU D 158 -23.27 -5.86 -58.19
N CYS D 159 -23.19 -7.16 -58.09
CA CYS D 159 -24.40 -7.99 -58.06
C CYS D 159 -24.82 -8.31 -56.64
N LEU D 160 -26.01 -8.88 -56.53
CA LEU D 160 -26.52 -9.18 -55.20
C LEU D 160 -25.59 -10.13 -54.46
N LYS D 161 -24.94 -11.10 -55.14
CA LYS D 161 -24.02 -11.99 -54.48
C LYS D 161 -22.88 -11.24 -53.79
N ASP D 162 -22.39 -10.19 -54.46
CA ASP D 162 -21.34 -9.40 -53.86
C ASP D 162 -21.90 -8.61 -52.64
N THR D 163 -23.13 -8.13 -52.79
CA THR D 163 -23.78 -7.39 -51.70
C THR D 163 -23.89 -8.25 -50.47
N VAL D 164 -24.39 -9.49 -50.66
CA VAL D 164 -24.37 -10.47 -49.52
C VAL D 164 -23.02 -10.63 -48.84
N ALA D 165 -21.96 -10.79 -49.63
CA ALA D 165 -20.61 -10.90 -49.16
C ALA D 165 -20.14 -9.71 -48.36
N ARG D 166 -20.57 -8.54 -48.74
CA ARG D 166 -20.20 -7.25 -48.10
C ARG D 166 -20.95 -7.03 -46.75
N VAL D 167 -22.20 -7.50 -46.71
CA VAL D 167 -23.07 -7.25 -45.56
C VAL D 167 -22.75 -8.19 -44.42
N LEU D 168 -22.45 -9.45 -44.77
CA LEU D 168 -22.40 -10.52 -43.75
C LEU D 168 -21.35 -10.30 -42.69
N PRO D 169 -20.19 -9.71 -43.01
CA PRO D 169 -19.22 -9.45 -41.94
C PRO D 169 -19.73 -8.51 -40.86
N LEU D 170 -20.58 -7.55 -41.20
CA LEU D 170 -21.16 -6.73 -40.18
C LEU D 170 -22.16 -7.50 -39.31
N TRP D 171 -22.93 -8.35 -39.94
CA TRP D 171 -23.87 -9.20 -39.18
C TRP D 171 -23.04 -10.08 -38.20
N ASN D 172 -22.01 -10.71 -38.72
CA ASN D 172 -21.24 -11.64 -37.89
C ASN D 172 -20.48 -11.00 -36.77
N GLU D 173 -19.87 -9.86 -37.05
CA GLU D 173 -18.95 -9.16 -36.14
C GLU D 173 -19.64 -8.25 -35.13
N SER D 174 -20.82 -7.74 -35.48
CA SER D 174 -21.44 -6.73 -34.69
C SER D 174 -22.92 -6.97 -34.41
N ILE D 175 -23.72 -7.17 -35.45
CA ILE D 175 -25.16 -7.18 -35.24
C ILE D 175 -25.59 -8.42 -34.48
N ALA D 176 -25.10 -9.58 -34.86
CA ALA D 176 -25.53 -10.82 -34.21
C ALA D 176 -25.06 -10.86 -32.76
N PRO D 177 -23.82 -10.43 -32.46
CA PRO D 177 -23.45 -10.31 -31.03
C PRO D 177 -24.34 -9.32 -30.27
N ALA D 178 -24.79 -8.24 -30.91
CA ALA D 178 -25.70 -7.31 -30.20
C ALA D 178 -27.00 -7.96 -29.87
N VAL D 179 -27.60 -8.66 -30.84
CA VAL D 179 -28.86 -9.37 -30.60
C VAL D 179 -28.66 -10.39 -29.47
N LYS D 180 -27.57 -11.15 -29.53
CA LYS D 180 -27.36 -12.17 -28.48
C LYS D 180 -27.11 -11.60 -27.11
N ALA D 181 -26.63 -10.37 -27.06
CA ALA D 181 -26.40 -9.66 -25.79
C ALA D 181 -27.69 -9.12 -25.20
N GLY D 182 -28.81 -9.23 -25.90
CA GLY D 182 -30.08 -8.78 -25.46
C GLY D 182 -30.36 -7.34 -25.83
N LYS D 183 -29.56 -6.75 -26.75
CA LYS D 183 -29.90 -5.43 -27.30
C LYS D 183 -31.07 -5.53 -28.23
N GLN D 184 -32.01 -4.62 -28.18
CA GLN D 184 -33.07 -4.52 -29.12
C GLN D 184 -32.64 -3.65 -30.32
N VAL D 185 -32.45 -4.28 -31.44
CA VAL D 185 -31.77 -3.66 -32.65
C VAL D 185 -32.76 -3.29 -33.74
N LEU D 186 -32.52 -2.11 -34.31
CA LEU D 186 -33.14 -1.60 -35.50
C LEU D 186 -32.03 -1.46 -36.59
N ILE D 187 -32.32 -1.95 -37.78
CA ILE D 187 -31.44 -1.77 -38.99
C ILE D 187 -32.28 -0.94 -40.01
N ALA D 188 -31.76 0.28 -40.33
CA ALA D 188 -32.33 1.22 -41.32
C ALA D 188 -31.41 1.25 -42.51
N ALA D 189 -31.91 0.72 -43.64
CA ALA D 189 -30.99 0.53 -44.77
C ALA D 189 -31.74 0.58 -46.10
N HIS D 190 -31.32 -0.25 -47.04
CA HIS D 190 -31.65 -0.09 -48.43
C HIS D 190 -32.30 -1.34 -48.97
N GLY D 191 -33.00 -1.20 -50.10
CA GLY D 191 -33.77 -2.30 -50.69
C GLY D 191 -32.94 -3.52 -50.96
N ASN D 192 -31.78 -3.38 -51.62
CA ASN D 192 -31.04 -4.53 -51.97
C ASN D 192 -30.16 -5.04 -50.88
N SER D 193 -29.68 -4.15 -49.98
CA SER D 193 -28.90 -4.64 -48.87
C SER D 193 -29.78 -5.39 -47.82
N LEU D 194 -31.05 -4.98 -47.69
CA LEU D 194 -31.99 -5.76 -46.86
C LEU D 194 -32.35 -7.09 -47.62
N ARG D 195 -32.49 -7.07 -48.92
CA ARG D 195 -32.72 -8.34 -49.71
C ARG D 195 -31.60 -9.28 -49.45
N ALA D 196 -30.36 -8.73 -49.41
CA ALA D 196 -29.18 -9.51 -49.20
C ALA D 196 -29.20 -10.11 -47.82
N LEU D 197 -29.50 -9.27 -46.79
CA LEU D 197 -29.57 -9.79 -45.45
C LEU D 197 -30.69 -10.88 -45.21
N ILE D 198 -31.86 -10.60 -45.75
CA ILE D 198 -32.99 -11.52 -45.66
C ILE D 198 -32.70 -12.90 -46.39
N LYS D 199 -31.94 -12.84 -47.48
CA LYS D 199 -31.58 -14.02 -48.24
C LYS D 199 -30.81 -14.90 -47.32
N TYR D 200 -29.96 -14.29 -46.52
CA TYR D 200 -29.18 -15.06 -45.60
C TYR D 200 -29.98 -15.55 -44.43
N LEU D 201 -30.73 -14.65 -43.81
CA LEU D 201 -31.47 -15.01 -42.60
C LEU D 201 -32.50 -16.13 -42.83
N ASP D 202 -33.22 -16.03 -43.96
CA ASP D 202 -34.37 -16.92 -44.30
C ASP D 202 -33.87 -18.10 -45.20
N GLY D 203 -32.57 -18.14 -45.49
CA GLY D 203 -32.03 -19.26 -46.33
C GLY D 203 -32.72 -19.33 -47.71
N ILE D 204 -32.91 -18.20 -48.34
CA ILE D 204 -33.64 -18.13 -49.60
C ILE D 204 -32.74 -18.44 -50.75
N SER D 205 -33.24 -19.21 -51.71
CA SER D 205 -32.39 -19.58 -52.85
C SER D 205 -32.09 -18.41 -53.79
N ASP D 206 -31.12 -18.65 -54.65
CA ASP D 206 -30.74 -17.69 -55.70
C ASP D 206 -31.91 -17.33 -56.62
N ALA D 207 -32.77 -18.32 -56.97
CA ALA D 207 -33.94 -17.99 -57.82
C ALA D 207 -35.13 -17.31 -57.14
N ASP D 208 -35.43 -17.76 -55.93
CA ASP D 208 -36.53 -17.22 -55.18
C ASP D 208 -36.23 -15.75 -54.73
N ILE D 209 -34.95 -15.39 -54.56
CA ILE D 209 -34.66 -14.02 -54.08
C ILE D 209 -35.03 -12.97 -55.17
N VAL D 210 -35.06 -13.39 -56.45
CA VAL D 210 -35.47 -12.46 -57.56
C VAL D 210 -36.78 -11.74 -57.37
N GLY D 211 -37.75 -12.40 -56.74
CA GLY D 211 -39.05 -11.84 -56.57
C GLY D 211 -39.26 -11.03 -55.29
N LEU D 212 -38.27 -10.94 -54.40
CA LEU D 212 -38.52 -10.19 -53.14
C LEU D 212 -38.32 -8.71 -53.36
N ASN D 213 -39.33 -7.90 -53.07
CA ASN D 213 -39.16 -6.45 -53.14
C ASN D 213 -39.58 -5.86 -51.76
N ILE D 214 -38.82 -4.89 -51.24
CA ILE D 214 -39.16 -4.37 -49.94
C ILE D 214 -39.67 -2.97 -50.15
N PRO D 215 -40.85 -2.64 -49.58
CA PRO D 215 -41.34 -1.31 -49.71
C PRO D 215 -40.57 -0.23 -48.90
N ASN D 216 -40.61 1.00 -49.36
CA ASN D 216 -40.01 2.10 -48.59
C ASN D 216 -40.73 2.34 -47.26
N GLY D 217 -39.97 2.49 -46.20
CA GLY D 217 -40.50 2.98 -44.96
C GLY D 217 -41.48 2.18 -44.17
N VAL D 218 -41.46 0.86 -44.28
CA VAL D 218 -42.36 -0.02 -43.62
C VAL D 218 -41.58 -0.97 -42.69
N PRO D 219 -41.84 -0.93 -41.37
CA PRO D 219 -41.08 -1.78 -40.48
C PRO D 219 -41.38 -3.28 -40.69
N LEU D 220 -40.30 -4.07 -40.75
CA LEU D 220 -40.31 -5.50 -41.00
C LEU D 220 -39.71 -6.15 -39.80
N VAL D 221 -40.54 -6.89 -39.07
CA VAL D 221 -40.15 -7.52 -37.80
C VAL D 221 -39.79 -8.97 -38.00
N TYR D 222 -38.61 -9.37 -37.54
CA TYR D 222 -38.15 -10.78 -37.51
C TYR D 222 -38.15 -11.23 -36.13
N GLU D 223 -38.82 -12.36 -35.86
CA GLU D 223 -38.62 -13.05 -34.56
C GLU D 223 -37.62 -14.14 -34.71
N LEU D 224 -36.63 -14.19 -33.87
CA LEU D 224 -35.51 -15.14 -34.04
C LEU D 224 -35.44 -16.06 -32.85
N ASP D 225 -35.01 -17.31 -33.07
CA ASP D 225 -34.73 -18.15 -31.93
C ASP D 225 -33.32 -18.01 -31.32
N GLU D 226 -32.97 -18.88 -30.33
CA GLU D 226 -31.65 -18.86 -29.67
C GLU D 226 -30.46 -19.00 -30.62
N SER D 227 -30.64 -19.67 -31.76
CA SER D 227 -29.61 -19.85 -32.81
C SER D 227 -29.64 -18.76 -33.88
N LEU D 228 -30.52 -17.75 -33.66
CA LEU D 228 -30.71 -16.65 -34.57
C LEU D 228 -31.43 -17.05 -35.86
N THR D 229 -32.09 -18.21 -35.83
CA THR D 229 -32.89 -18.67 -36.96
C THR D 229 -34.29 -18.07 -36.90
N PRO D 230 -34.80 -17.51 -38.01
CA PRO D 230 -36.17 -16.95 -38.00
C PRO D 230 -37.24 -17.99 -37.66
N ILE D 231 -38.13 -17.56 -36.77
CA ILE D 231 -39.41 -18.23 -36.43
C ILE D 231 -40.55 -17.71 -37.33
N ARG D 232 -40.67 -16.41 -37.49
CA ARG D 232 -41.62 -15.77 -38.30
C ARG D 232 -41.20 -14.33 -38.54
N HIS D 233 -41.83 -13.73 -39.49
CA HIS D 233 -41.64 -12.30 -39.77
C HIS D 233 -42.94 -11.71 -40.27
N TYR D 234 -43.07 -10.40 -40.20
CA TYR D 234 -44.24 -9.65 -40.55
C TYR D 234 -43.95 -8.16 -40.71
N TYR D 235 -44.65 -7.45 -41.57
CA TYR D 235 -44.61 -6.03 -41.64
C TYR D 235 -45.57 -5.46 -40.56
N LEU D 236 -45.21 -4.32 -39.98
CA LEU D 236 -46.18 -3.55 -39.18
C LEU D 236 -46.98 -2.62 -40.00
N GLY D 237 -48.21 -2.43 -39.60
CA GLY D 237 -49.04 -1.48 -40.31
C GLY D 237 -50.27 -2.14 -40.95
N ASP D 238 -50.68 -1.55 -42.06
CA ASP D 238 -51.94 -1.84 -42.72
C ASP D 238 -51.74 -2.85 -43.85
O1 PG4 E . 41.44 -12.75 37.13
C1 PG4 E . 40.62 -13.30 36.09
C2 PG4 E . 40.08 -12.26 35.10
O2 PG4 E . 40.08 -12.81 33.78
C3 PG4 E . 39.68 -11.89 32.75
C4 PG4 E . 40.50 -11.98 31.46
O3 PG4 E . 41.72 -11.21 31.56
C5 PG4 E . 42.40 -11.07 30.31
C6 PG4 E . 43.63 -10.21 30.57
O4 PG4 E . 44.79 -11.03 30.73
C7 PG4 E . 45.59 -11.02 31.93
C8 PG4 E . 47.01 -10.50 31.69
O5 PG4 E . 47.08 -9.71 30.50
P PO3 F . 24.70 4.90 47.36
O1 PO3 F . 24.51 3.42 47.83
O2 PO3 F . 26.16 5.40 47.29
O3 PO3 F . 23.55 5.85 47.54
N SEP G . 23.78 7.46 49.94
CA SEP G . 24.23 6.50 50.98
CB SEP G . 24.97 7.22 52.09
OG SEP G . 24.53 8.54 52.28
C SEP G . 23.06 5.80 51.64
O SEP G . 23.31 4.78 52.27
OXT SEP G . 21.95 6.39 51.61
P SEP G . 25.48 9.37 53.38
O1P SEP G . 24.32 10.24 54.13
O2P SEP G . 26.29 8.38 54.28
O3P SEP G . 26.42 10.32 52.60
O1 PG4 H . 13.64 -5.72 -0.40
C1 PG4 H . 12.73 -4.64 -0.13
C2 PG4 H . 13.47 -3.29 -0.02
O2 PG4 H . 13.18 -2.38 -1.09
C3 PG4 H . 13.40 -2.94 -2.39
C4 PG4 H . 13.69 -1.90 -3.45
O3 PG4 H . 15.06 -1.50 -3.37
C5 PG4 H . 15.65 -1.17 -4.63
C6 PG4 H . 16.81 -0.19 -4.39
O4 PG4 H . 17.96 -0.93 -3.98
C7 PG4 H . 19.08 -0.16 -3.52
C8 PG4 H . 20.07 -1.12 -2.88
O5 PG4 H . 20.29 -2.29 -3.71
P PO3 I . -2.01 14.82 12.55
O1 PO3 I . -2.16 13.34 13.06
O2 PO3 I . -0.53 15.33 12.49
O3 PO3 I . -3.14 15.78 12.71
N SEP J . -2.87 17.36 15.12
CA SEP J . -2.50 16.45 16.27
CB SEP J . -2.04 17.28 17.43
OG SEP J . -1.92 18.64 17.19
C SEP J . -3.68 15.69 16.84
O SEP J . -4.80 16.17 16.75
OXT SEP J . -3.43 14.72 17.48
P SEP J . -1.26 19.28 18.55
O1P SEP J . -0.42 18.30 19.46
O2P SEP J . -0.25 20.31 17.89
O3P SEP J . -2.50 20.08 19.21
O1 PG4 K . -1.95 -16.40 13.76
C1 PG4 K . -1.51 -15.89 12.51
C2 PG4 K . -2.47 -14.78 12.10
O2 PG4 K . -1.83 -13.52 12.17
C3 PG4 K . -2.71 -12.43 11.95
C4 PG4 K . -1.86 -11.15 11.81
O3 PG4 K . -1.20 -11.20 10.55
C5 PG4 K . -0.82 -9.87 10.18
C6 PG4 K . -0.09 -9.84 8.86
O4 PG4 K . 1.26 -10.20 9.18
C7 PG4 K . 2.05 -10.31 7.99
C8 PG4 K . 3.52 -10.41 8.35
O5 PG4 K . 3.69 -11.30 9.46
O1 PG4 L . -13.17 -24.17 -16.41
C1 PG4 L . -12.98 -24.56 -15.02
C2 PG4 L . -12.27 -23.49 -14.18
O2 PG4 L . -12.28 -23.76 -12.77
C3 PG4 L . -13.13 -22.92 -12.01
C4 PG4 L . -12.65 -21.51 -11.75
O3 PG4 L . -13.69 -20.58 -12.08
C5 PG4 L . -14.61 -20.06 -11.09
C6 PG4 L . -16.05 -20.35 -11.44
O4 PG4 L . -16.95 -20.63 -10.34
C7 PG4 L . -17.72 -21.79 -10.63
C8 PG4 L . -18.64 -22.15 -9.49
O5 PG4 L . -18.46 -23.53 -9.15
P PO3 M . -6.24 -7.39 -17.07
O1 PO3 M . -4.71 -7.11 -16.83
O2 PO3 M . -6.82 -8.72 -16.52
O3 PO3 M . -6.90 -6.68 -18.24
N SEP N . -7.13 -8.14 -20.71
CA SEP N . -5.81 -8.84 -20.64
CB SEP N . -5.90 -10.25 -21.20
OG SEP N . -6.58 -10.21 -22.47
C SEP N . -4.77 -8.05 -21.44
O SEP N . -5.15 -7.20 -22.25
OXT SEP N . -3.59 -8.34 -21.31
P SEP N . -7.00 -11.68 -23.04
O1P SEP N . -8.27 -12.21 -22.25
O2P SEP N . -7.27 -11.29 -24.57
O3P SEP N . -5.86 -12.75 -22.92
O1 PG4 O . -28.31 -5.86 -20.55
C1 PG4 O . -28.23 -6.38 -21.88
C2 PG4 O . -27.37 -5.48 -22.76
O2 PG4 O . -28.22 -4.52 -23.40
C3 PG4 O . -28.81 -3.60 -22.46
C4 PG4 O . -29.63 -2.56 -23.15
O3 PG4 O . -28.87 -1.35 -23.33
C5 PG4 O . -27.76 -1.46 -24.23
C6 PG4 O . -27.28 -0.09 -24.69
O4 PG4 O . -26.55 -0.29 -25.91
C7 PG4 O . -25.11 -0.39 -25.75
C8 PG4 O . -24.49 -0.54 -27.14
O5 PG4 O . -23.09 -0.21 -27.18
O1 PG4 P . -44.35 -14.55 -43.01
C1 PG4 P . -45.30 -13.53 -43.33
C2 PG4 P . -45.46 -13.46 -44.83
O2 PG4 P . -44.47 -12.59 -45.37
C3 PG4 P . -44.79 -11.21 -45.18
C4 PG4 P . -43.70 -10.26 -45.69
O3 PG4 P . -42.44 -10.85 -46.00
C5 PG4 P . -41.48 -9.85 -46.36
C6 PG4 P . -40.09 -10.44 -46.47
O4 PG4 P . -40.14 -11.77 -46.96
C7 PG4 P . -39.03 -12.57 -46.62
C8 PG4 P . -39.15 -13.92 -47.32
O5 PG4 P . -38.95 -13.71 -48.73
P PO3 Q . -32.92 2.59 -51.89
O1 PO3 Q . -31.36 2.73 -51.64
O2 PO3 Q . -33.48 1.23 -51.35
O3 PO3 Q . -33.66 3.26 -53.08
N SEP R . -33.88 1.81 -55.56
CA SEP R . -32.51 1.13 -55.49
CB SEP R . -32.55 -0.28 -56.04
OG SEP R . -33.37 -0.27 -57.19
C SEP R . -31.46 1.91 -56.26
O SEP R . -31.85 2.77 -57.05
OXT SEP R . -30.27 1.62 -56.11
P SEP R . -33.69 -1.73 -57.82
O1P SEP R . -35.05 -2.33 -57.18
O2P SEP R . -33.94 -1.27 -59.36
O3P SEP R . -32.53 -2.78 -57.63
#